data_5RAN
#
_entry.id   5RAN
#
_cell.length_a   57.520
_cell.length_b   93.750
_cell.length_c   93.605
_cell.angle_alpha   90.000
_cell.angle_beta   108.180
_cell.angle_gamma   90.000
#
_symmetry.space_group_name_H-M   'P 1 21 1'
#
loop_
_entity.id
_entity.type
_entity.pdbx_description
1 polymer 'Lysine-specific demethylase 3B'
2 non-polymer ~{N}-methyl-1-pyridin-4-yl-methanamine
3 non-polymer 'CHLORIDE ION'
4 non-polymer 'MANGANESE (II) ION'
5 water water
#
_entity_poly.entity_id   1
_entity_poly.type   'polypeptide(L)'
_entity_poly.pdbx_seq_one_letter_code
;MHHHHHHSSGVDLGTENLYFQSMTSHSWLCDGRLLCLHDPSNKNNWKIFRECWKQGQPVLVSGVHKKLKSELWKPEAFSQ
EFGDQDVDLVNCRNCAIISDVKVRDFWDGFEIICKRLRSEDGQPMVLKLKDWPPGEDFRDMMPTRFEDLMENLPLPEYTK
RDGRLNLASRLPSYFVRPDLGPKMYNAYGLITAEDRRVGTTNLHLDVSDAVNVMVYVGIPIGEGAHDEEVLKTIDEGDAD
EVTKERIHDHKEKPGALWHIYAAKDAEKIRELLRKVGEEQGQENPPDHDPIHDQSWYLDQTLRKRLYEEYGVQGWAIVQF
LGDAVFIPAGAPHQVHNLYSCIKVAEDFVSPEHVKHCFRLTQEFRHLSNTHT
;
_entity_poly.pdbx_strand_id   A,B
#
loop_
_chem_comp.id
_chem_comp.type
_chem_comp.name
_chem_comp.formula
CL non-polymer 'CHLORIDE ION' 'Cl -1'
MN non-polymer 'MANGANESE (II) ION' 'Mn 2'
RYP non-polymer ~{N}-methyl-1-pyridin-4-yl-methanamine 'C7 H10 N2'
#
# COMPACT_ATOMS: atom_id res chain seq x y z
N SER A 22 -13.68 -11.05 48.22
CA SER A 22 -12.95 -9.75 48.46
C SER A 22 -12.43 -9.18 47.12
N MET A 23 -12.29 -7.85 47.06
N MET A 23 -12.27 -7.86 47.04
CA MET A 23 -11.57 -7.13 45.97
CA MET A 23 -11.64 -7.16 45.88
C MET A 23 -10.13 -7.65 45.92
C MET A 23 -10.15 -7.51 45.86
N THR A 24 -9.67 -8.10 44.75
CA THR A 24 -8.27 -8.53 44.56
C THR A 24 -7.68 -7.79 43.34
N SER A 25 -6.36 -7.67 43.30
CA SER A 25 -5.55 -7.02 42.24
C SER A 25 -5.76 -7.74 40.89
N HIS A 26 -5.83 -9.07 40.87
CA HIS A 26 -5.87 -9.90 39.65
C HIS A 26 -6.33 -11.33 39.91
N SER A 27 -6.52 -12.07 38.83
CA SER A 27 -6.85 -13.50 38.79
C SER A 27 -6.31 -14.08 37.47
N TRP A 28 -6.51 -15.37 37.23
CA TRP A 28 -5.99 -16.04 36.00
C TRP A 28 -7.17 -16.63 35.23
N LEU A 29 -7.12 -16.55 33.90
CA LEU A 29 -8.05 -17.28 33.01
C LEU A 29 -7.24 -18.25 32.14
N CYS A 30 -7.90 -19.00 31.27
CA CYS A 30 -7.22 -20.00 30.39
C CYS A 30 -6.28 -20.88 31.21
N ASP A 31 -6.75 -21.34 32.38
CA ASP A 31 -6.02 -22.27 33.30
C ASP A 31 -4.67 -21.71 33.69
N GLY A 32 -4.58 -20.42 34.03
CA GLY A 32 -3.32 -19.80 34.44
C GLY A 32 -2.51 -19.18 33.33
N ARG A 33 -2.93 -19.34 32.07
CA ARG A 33 -2.13 -18.84 30.92
C ARG A 33 -2.50 -17.39 30.60
N LEU A 34 -3.52 -16.80 31.22
CA LEU A 34 -3.96 -15.41 30.86
C LEU A 34 -4.13 -14.55 32.12
N LEU A 35 -3.33 -13.51 32.29
CA LEU A 35 -3.54 -12.53 33.38
C LEU A 35 -4.85 -11.77 33.19
N CYS A 36 -5.66 -11.67 34.26
N CYS A 36 -5.61 -11.62 34.28
CA CYS A 36 -6.85 -10.77 34.34
CA CYS A 36 -6.83 -10.78 34.38
C CYS A 36 -6.66 -9.74 35.46
C CYS A 36 -6.67 -9.73 35.49
N LEU A 37 -6.39 -8.48 35.10
CA LEU A 37 -6.27 -7.36 36.06
C LEU A 37 -7.68 -6.87 36.42
N HIS A 38 -7.94 -6.53 37.70
CA HIS A 38 -9.33 -6.26 38.18
C HIS A 38 -9.64 -4.77 38.27
N ASP A 39 -8.64 -3.92 38.48
CA ASP A 39 -8.85 -2.47 38.67
C ASP A 39 -8.09 -1.73 37.55
N PRO A 40 -8.82 -1.11 36.60
CA PRO A 40 -8.18 -0.49 35.45
C PRO A 40 -7.29 0.71 35.77
N SER A 41 -7.46 1.38 36.92
CA SER A 41 -6.70 2.61 37.25
C SER A 41 -5.72 2.38 38.41
N ASN A 42 -5.39 1.13 38.74
CA ASN A 42 -4.41 0.76 39.80
C ASN A 42 -3.01 1.13 39.28
N LYS A 43 -2.34 2.05 39.98
CA LYS A 43 -1.03 2.62 39.54
C LYS A 43 0.07 1.55 39.56
N ASN A 44 -0.17 0.37 40.18
CA ASN A 44 0.79 -0.74 40.34
C ASN A 44 0.57 -1.87 39.30
N ASN A 45 -0.40 -1.77 38.41
CA ASN A 45 -0.71 -2.81 37.38
C ASN A 45 0.56 -3.19 36.55
N TRP A 46 1.39 -2.21 36.21
CA TRP A 46 2.59 -2.43 35.35
C TRP A 46 3.48 -3.57 35.89
N LYS A 47 3.55 -3.77 37.20
CA LYS A 47 4.48 -4.75 37.84
C LYS A 47 4.09 -6.20 37.48
N ILE A 48 2.79 -6.49 37.43
CA ILE A 48 2.18 -7.81 37.07
C ILE A 48 2.14 -7.92 35.53
N PHE A 49 1.73 -6.84 34.89
CA PHE A 49 1.52 -6.78 33.43
C PHE A 49 2.78 -7.12 32.66
N ARG A 50 3.89 -6.47 33.03
N ARG A 50 3.90 -6.48 33.03
CA ARG A 50 5.13 -6.42 32.24
CA ARG A 50 5.11 -6.44 32.17
C ARG A 50 5.74 -7.82 32.08
C ARG A 50 5.74 -7.84 32.07
N GLU A 51 5.68 -8.64 33.13
CA GLU A 51 6.22 -10.02 33.14
C GLU A 51 5.46 -10.89 32.11
N CYS A 52 4.12 -10.80 32.09
CA CYS A 52 3.27 -11.56 31.14
C CYS A 52 3.49 -11.01 29.73
N TRP A 53 3.52 -9.70 29.58
CA TRP A 53 3.61 -9.06 28.24
C TRP A 53 4.94 -9.41 27.56
N LYS A 54 6.05 -9.49 28.31
CA LYS A 54 7.40 -9.70 27.72
C LYS A 54 7.44 -11.11 27.12
N GLN A 55 6.64 -12.05 27.63
CA GLN A 55 6.60 -13.44 27.12
C GLN A 55 5.66 -13.56 25.91
N GLY A 56 5.07 -12.48 25.43
CA GLY A 56 4.27 -12.55 24.19
C GLY A 56 2.83 -12.95 24.46
N GLN A 57 2.38 -12.89 25.72
CA GLN A 57 0.97 -13.23 26.08
C GLN A 57 0.04 -12.03 25.89
N PRO A 58 -1.24 -12.29 25.49
CA PRO A 58 -2.30 -11.30 25.66
C PRO A 58 -2.63 -11.13 27.15
N VAL A 59 -3.29 -10.02 27.49
CA VAL A 59 -3.72 -9.66 28.87
C VAL A 59 -5.15 -9.08 28.81
N LEU A 60 -6.00 -9.44 29.78
CA LEU A 60 -7.38 -8.89 29.93
C LEU A 60 -7.40 -7.94 31.15
N VAL A 61 -8.02 -6.76 30.98
CA VAL A 61 -8.30 -5.83 32.14
C VAL A 61 -9.81 -5.59 32.20
N SER A 62 -10.46 -5.94 33.31
CA SER A 62 -11.93 -5.82 33.44
C SER A 62 -12.27 -4.50 34.14
N GLY A 63 -13.52 -4.03 33.98
CA GLY A 63 -14.05 -2.91 34.77
C GLY A 63 -13.94 -1.54 34.12
N VAL A 64 -13.59 -1.46 32.83
CA VAL A 64 -13.35 -0.13 32.18
C VAL A 64 -14.69 0.62 31.98
N HIS A 65 -15.79 -0.11 31.81
CA HIS A 65 -17.16 0.45 31.63
C HIS A 65 -17.51 1.37 32.80
N LYS A 66 -17.16 0.98 34.02
CA LYS A 66 -17.47 1.78 35.24
C LYS A 66 -16.72 3.12 35.25
N LYS A 67 -15.68 3.33 34.43
CA LYS A 67 -14.90 4.59 34.42
C LYS A 67 -15.39 5.57 33.34
N LEU A 68 -16.26 5.10 32.45
CA LEU A 68 -16.73 5.82 31.24
C LEU A 68 -18.08 6.52 31.53
N LYS A 69 -18.43 7.54 30.74
CA LYS A 69 -19.78 8.19 30.72
C LYS A 69 -20.67 7.33 29.79
N SER A 70 -21.45 6.43 30.39
CA SER A 70 -22.23 5.38 29.70
C SER A 70 -23.19 5.95 28.65
N GLU A 71 -23.69 7.18 28.84
CA GLU A 71 -24.64 7.84 27.91
C GLU A 71 -23.95 8.15 26.56
N LEU A 72 -22.61 8.27 26.52
CA LEU A 72 -21.86 8.56 25.27
C LEU A 72 -21.68 7.32 24.38
N TRP A 73 -21.99 6.12 24.84
CA TRP A 73 -21.62 4.84 24.16
C TRP A 73 -22.87 4.01 23.82
N LYS A 74 -24.00 4.66 23.55
CA LYS A 74 -25.29 3.98 23.26
C LYS A 74 -25.54 4.04 21.76
N PRO A 75 -26.07 2.96 21.16
CA PRO A 75 -26.42 2.96 19.74
C PRO A 75 -27.44 4.05 19.35
N GLU A 76 -28.41 4.39 20.22
CA GLU A 76 -29.44 5.45 19.93
C GLU A 76 -28.74 6.83 19.80
N ALA A 77 -27.75 7.14 20.63
CA ALA A 77 -26.97 8.41 20.51
C ALA A 77 -26.22 8.47 19.18
N PHE A 78 -25.60 7.37 18.76
CA PHE A 78 -24.81 7.35 17.49
C PHE A 78 -25.80 7.59 16.34
N SER A 79 -26.96 6.95 16.35
CA SER A 79 -27.99 7.12 15.29
C SER A 79 -28.46 8.59 15.22
N GLN A 80 -28.83 9.17 16.35
CA GLN A 80 -29.37 10.56 16.46
C GLN A 80 -28.30 11.56 16.00
N GLU A 81 -27.04 11.41 16.40
CA GLU A 81 -26.01 12.46 16.17
C GLU A 81 -25.40 12.31 14.78
N PHE A 82 -25.29 11.10 14.23
CA PHE A 82 -24.47 10.86 13.01
C PHE A 82 -25.26 10.11 11.91
N GLY A 83 -26.56 9.88 12.10
CA GLY A 83 -27.39 8.99 11.27
C GLY A 83 -27.44 9.34 9.79
N ASP A 84 -27.17 10.59 9.41
CA ASP A 84 -27.24 11.05 7.99
C ASP A 84 -25.96 10.78 7.19
N GLN A 85 -24.87 10.30 7.78
CA GLN A 85 -23.62 10.02 7.06
C GLN A 85 -23.79 8.82 6.15
N ASP A 86 -23.11 8.79 5.01
CA ASP A 86 -23.06 7.64 4.06
C ASP A 86 -21.93 6.67 4.44
N VAL A 87 -22.14 5.36 4.26
CA VAL A 87 -21.23 4.28 4.74
C VAL A 87 -21.50 3.04 3.90
N ASP A 88 -20.58 2.08 3.96
CA ASP A 88 -20.81 0.71 3.45
C ASP A 88 -20.86 -0.23 4.65
N LEU A 89 -21.58 -1.34 4.51
CA LEU A 89 -21.74 -2.37 5.55
C LEU A 89 -21.22 -3.66 4.93
N VAL A 90 -20.93 -4.66 5.76
CA VAL A 90 -20.64 -6.03 5.24
C VAL A 90 -21.66 -7.01 5.82
N ASN A 91 -22.15 -7.92 4.98
CA ASN A 91 -22.96 -9.08 5.41
C ASN A 91 -22.00 -10.14 5.95
N CYS A 92 -22.00 -10.39 7.27
CA CYS A 92 -20.96 -11.22 7.92
C CYS A 92 -21.07 -12.67 7.41
N ARG A 93 -22.26 -13.10 6.97
CA ARG A 93 -22.50 -14.52 6.59
C ARG A 93 -21.84 -14.87 5.26
N ASN A 94 -21.78 -13.94 4.30
CA ASN A 94 -21.29 -14.23 2.91
C ASN A 94 -20.23 -13.22 2.46
N CYS A 95 -19.84 -12.26 3.31
CA CYS A 95 -18.79 -11.22 3.08
C CYS A 95 -19.18 -10.17 2.00
N ALA A 96 -20.43 -10.16 1.53
CA ALA A 96 -20.98 -9.17 0.57
C ALA A 96 -20.97 -7.75 1.18
N ILE A 97 -20.59 -6.77 0.36
CA ILE A 97 -20.62 -5.31 0.70
C ILE A 97 -22.01 -4.77 0.35
N ILE A 98 -22.62 -4.04 1.28
CA ILE A 98 -23.83 -3.21 1.03
C ILE A 98 -23.34 -1.78 0.91
N SER A 99 -23.37 -1.22 -0.31
CA SER A 99 -22.75 0.07 -0.69
C SER A 99 -23.66 1.28 -0.43
N ASP A 100 -23.05 2.33 0.08
CA ASP A 100 -23.61 3.71 0.09
C ASP A 100 -25.01 3.70 0.70
N VAL A 101 -25.13 3.26 1.97
CA VAL A 101 -26.36 3.41 2.79
C VAL A 101 -26.10 4.43 3.88
N LYS A 102 -27.13 4.83 4.60
CA LYS A 102 -27.08 5.78 5.73
C LYS A 102 -26.66 5.01 6.99
N VAL A 103 -25.87 5.67 7.83
CA VAL A 103 -25.36 5.04 9.08
C VAL A 103 -26.56 4.72 9.99
N ARG A 104 -27.66 5.48 9.96
CA ARG A 104 -28.88 5.10 10.76
C ARG A 104 -29.46 3.73 10.34
N ASP A 105 -29.28 3.28 9.09
CA ASP A 105 -29.84 1.99 8.64
C ASP A 105 -29.16 0.84 9.41
N PHE A 106 -27.89 1.02 9.80
CA PHE A 106 -27.15 0.06 10.66
C PHE A 106 -27.63 0.20 12.12
N TRP A 107 -27.54 1.39 12.71
CA TRP A 107 -27.74 1.58 14.18
C TRP A 107 -29.19 1.25 14.60
N ASP A 108 -30.21 1.60 13.81
CA ASP A 108 -31.63 1.42 14.22
C ASP A 108 -31.98 -0.08 14.27
N GLY A 109 -31.22 -0.96 13.61
CA GLY A 109 -31.38 -2.42 13.73
C GLY A 109 -30.42 -3.09 14.75
N PHE A 110 -29.66 -2.34 15.53
CA PHE A 110 -28.57 -2.87 16.40
C PHE A 110 -29.14 -3.87 17.41
N GLU A 111 -30.24 -3.50 18.08
CA GLU A 111 -30.95 -4.31 19.10
C GLU A 111 -32.33 -4.78 18.61
N ILE A 112 -33.06 -4.00 17.80
CA ILE A 112 -34.45 -4.37 17.34
C ILE A 112 -34.35 -5.15 16.03
N ILE A 113 -34.57 -6.45 16.06
CA ILE A 113 -34.26 -7.33 14.91
C ILE A 113 -35.19 -7.04 13.72
N CYS A 114 -36.45 -6.64 13.98
CA CYS A 114 -37.47 -6.35 12.92
C CYS A 114 -37.12 -5.03 12.22
N LYS A 115 -36.01 -4.35 12.54
CA LYS A 115 -35.62 -3.13 11.81
C LYS A 115 -34.37 -3.38 10.95
N ARG A 116 -33.86 -4.62 10.91
CA ARG A 116 -32.60 -4.93 10.19
C ARG A 116 -32.91 -5.05 8.71
N LEU A 117 -31.96 -4.61 7.87
CA LEU A 117 -31.95 -4.90 6.43
C LEU A 117 -32.04 -6.40 6.23
N ARG A 118 -32.76 -6.85 5.19
CA ARG A 118 -33.05 -8.29 4.93
C ARG A 118 -32.34 -8.75 3.68
N SER A 119 -31.83 -9.99 3.73
CA SER A 119 -31.26 -10.67 2.53
C SER A 119 -32.40 -11.18 1.65
N GLU A 120 -32.07 -11.50 0.40
CA GLU A 120 -32.98 -12.10 -0.64
C GLU A 120 -33.86 -13.16 0.02
N ASP A 121 -33.31 -13.92 0.97
CA ASP A 121 -33.99 -15.08 1.60
C ASP A 121 -35.04 -14.59 2.60
N GLY A 122 -35.13 -13.28 2.83
CA GLY A 122 -36.11 -12.67 3.76
C GLY A 122 -35.72 -12.74 5.22
N GLN A 123 -34.46 -13.11 5.52
CA GLN A 123 -33.98 -13.19 6.93
C GLN A 123 -33.33 -11.87 7.29
N PRO A 124 -33.41 -11.40 8.56
CA PRO A 124 -32.61 -10.24 8.98
C PRO A 124 -31.09 -10.54 8.88
N MET A 125 -30.31 -9.58 8.37
CA MET A 125 -28.88 -9.78 8.08
C MET A 125 -28.05 -9.53 9.33
N VAL A 126 -26.89 -10.20 9.42
CA VAL A 126 -25.88 -9.96 10.49
C VAL A 126 -24.88 -9.02 9.84
N LEU A 127 -24.86 -7.77 10.28
CA LEU A 127 -24.08 -6.71 9.59
C LEU A 127 -22.94 -6.21 10.47
N LYS A 128 -21.89 -5.77 9.77
CA LYS A 128 -20.73 -5.03 10.30
C LYS A 128 -20.68 -3.66 9.61
N LEU A 129 -20.55 -2.58 10.37
CA LEU A 129 -20.31 -1.22 9.85
C LEU A 129 -18.82 -1.11 9.50
N LYS A 130 -18.49 -0.88 8.24
CA LYS A 130 -17.09 -0.83 7.71
C LYS A 130 -16.52 0.58 7.87
N ASP A 131 -15.33 0.69 8.48
CA ASP A 131 -14.45 1.90 8.46
C ASP A 131 -15.21 3.15 8.91
N TRP A 132 -15.72 3.18 10.13
CA TRP A 132 -16.53 4.31 10.66
C TRP A 132 -16.26 4.49 12.14
N PRO A 133 -15.93 5.71 12.59
CA PRO A 133 -15.58 6.82 11.72
C PRO A 133 -14.43 6.48 10.77
N PRO A 134 -14.40 7.10 9.57
CA PRO A 134 -13.46 6.69 8.52
C PRO A 134 -12.02 7.14 8.80
N GLY A 135 -11.04 6.32 8.39
CA GLY A 135 -9.59 6.54 8.59
C GLY A 135 -9.26 6.99 10.01
N GLU A 136 -8.83 8.25 10.16
CA GLU A 136 -8.27 8.83 11.40
C GLU A 136 -9.20 9.92 11.94
N ASP A 137 -10.47 9.97 11.52
CA ASP A 137 -11.40 11.08 11.85
C ASP A 137 -12.05 10.93 13.23
N PHE A 138 -11.78 9.85 13.99
CA PHE A 138 -12.51 9.62 15.26
C PHE A 138 -12.45 10.90 16.10
N ARG A 139 -11.27 11.50 16.28
CA ARG A 139 -11.06 12.62 17.25
C ARG A 139 -11.82 13.89 16.83
N ASP A 140 -11.80 14.18 15.53
CA ASP A 140 -12.47 15.36 14.92
C ASP A 140 -13.99 15.19 15.01
N MET A 141 -14.52 13.99 14.67
CA MET A 141 -16.00 13.74 14.62
C MET A 141 -16.55 13.65 16.03
N MET A 142 -15.79 13.08 16.97
CA MET A 142 -16.29 12.68 18.32
C MET A 142 -15.35 13.14 19.45
N PRO A 143 -15.06 14.45 19.56
CA PRO A 143 -14.11 14.96 20.56
C PRO A 143 -14.39 14.61 22.03
N THR A 144 -15.65 14.50 22.45
CA THR A 144 -16.04 14.14 23.85
C THR A 144 -15.82 12.64 24.10
N ARG A 145 -16.09 11.77 23.11
CA ARG A 145 -15.88 10.30 23.18
C ARG A 145 -14.39 10.04 23.28
N PHE A 146 -13.62 10.76 22.48
CA PHE A 146 -12.14 10.64 22.42
C PHE A 146 -11.54 10.90 23.81
N GLU A 147 -11.91 12.03 24.42
CA GLU A 147 -11.44 12.42 25.77
C GLU A 147 -11.82 11.34 26.78
N ASP A 148 -13.07 10.89 26.80
CA ASP A 148 -13.62 9.89 27.76
C ASP A 148 -12.83 8.56 27.66
N LEU A 149 -12.48 8.15 26.45
CA LEU A 149 -11.74 6.86 26.22
C LEU A 149 -10.28 7.03 26.64
N MET A 150 -9.58 8.00 26.07
CA MET A 150 -8.10 8.15 26.27
C MET A 150 -7.77 8.36 27.75
N GLU A 151 -8.59 9.09 28.51
CA GLU A 151 -8.36 9.39 29.95
C GLU A 151 -8.63 8.17 30.85
N ASN A 152 -9.24 7.12 30.32
CA ASN A 152 -9.65 5.95 31.13
C ASN A 152 -9.02 4.64 30.57
N LEU A 153 -8.12 4.71 29.57
CA LEU A 153 -7.42 3.47 29.14
C LEU A 153 -6.55 2.95 30.29
N PRO A 154 -6.54 1.62 30.51
CA PRO A 154 -5.60 0.99 31.41
C PRO A 154 -4.15 1.02 30.87
N LEU A 155 -3.20 0.78 31.78
CA LEU A 155 -1.73 0.78 31.50
C LEU A 155 -1.41 2.05 30.70
N PRO A 156 -1.71 3.25 31.24
CA PRO A 156 -1.59 4.50 30.47
C PRO A 156 -0.17 4.83 29.97
N GLU A 157 0.89 4.38 30.65
CA GLU A 157 2.28 4.63 30.21
C GLU A 157 2.55 3.91 28.89
N TYR A 158 1.87 2.79 28.66
CA TYR A 158 1.92 2.04 27.38
C TYR A 158 0.91 2.61 26.36
N THR A 159 -0.32 2.92 26.77
CA THR A 159 -1.45 3.06 25.81
C THR A 159 -1.73 4.52 25.38
N LYS A 160 -1.40 5.51 26.19
CA LYS A 160 -1.65 6.94 25.85
C LYS A 160 -0.66 7.39 24.75
N ARG A 161 -1.08 8.32 23.88
CA ARG A 161 -0.33 8.70 22.65
C ARG A 161 1.07 9.16 23.06
N ASP A 162 1.18 9.85 24.20
CA ASP A 162 2.44 10.38 24.79
C ASP A 162 2.87 9.62 26.06
N GLY A 163 2.46 8.35 26.24
CA GLY A 163 2.87 7.58 27.43
C GLY A 163 4.36 7.34 27.39
N ARG A 164 5.00 7.24 28.56
CA ARG A 164 6.48 7.14 28.70
C ARG A 164 7.01 5.82 28.08
N LEU A 165 6.19 4.78 27.83
CA LEU A 165 6.60 3.47 27.26
C LEU A 165 5.87 3.20 25.94
N ASN A 166 5.32 4.24 25.31
CA ASN A 166 4.75 4.13 23.94
C ASN A 166 5.77 4.76 22.97
N LEU A 167 6.38 3.94 22.11
CA LEU A 167 7.41 4.44 21.15
C LEU A 167 6.76 4.94 19.84
N ALA A 168 5.42 5.03 19.73
CA ALA A 168 4.78 5.30 18.41
C ALA A 168 5.30 6.62 17.84
N SER A 169 5.34 7.67 18.66
CA SER A 169 5.72 9.04 18.26
C SER A 169 7.24 9.23 18.28
N ARG A 170 8.06 8.21 18.53
CA ARG A 170 9.52 8.37 18.79
C ARG A 170 10.37 7.56 17.81
N LEU A 171 9.79 6.89 16.82
CA LEU A 171 10.57 5.91 16.00
C LEU A 171 10.91 6.52 14.63
N PRO A 172 12.06 6.24 14.00
CA PRO A 172 12.26 6.70 12.62
C PRO A 172 11.49 5.85 11.61
N SER A 173 11.62 6.22 10.34
CA SER A 173 10.86 5.68 9.19
C SER A 173 11.26 4.24 8.90
N TYR A 174 12.32 3.75 9.51
CA TYR A 174 12.72 2.32 9.47
C TYR A 174 11.69 1.43 10.18
N PHE A 175 10.72 2.01 10.90
CA PHE A 175 9.61 1.31 11.60
C PHE A 175 8.27 1.79 11.04
N VAL A 176 7.32 0.87 10.85
CA VAL A 176 5.91 1.17 10.47
C VAL A 176 5.20 1.75 11.70
N ARG A 177 4.76 2.99 11.62
CA ARG A 177 4.10 3.74 12.71
C ARG A 177 2.59 3.50 12.56
N PRO A 178 1.82 3.34 13.65
CA PRO A 178 0.37 3.16 13.52
C PRO A 178 -0.32 4.48 13.15
N ASP A 179 -1.43 4.41 12.41
CA ASP A 179 -2.33 5.57 12.13
C ASP A 179 -2.78 6.09 13.50
N LEU A 180 -3.13 7.37 13.56
CA LEU A 180 -3.76 7.99 14.74
C LEU A 180 -5.16 7.38 14.92
N GLY A 181 -5.54 7.08 16.15
CA GLY A 181 -6.78 6.34 16.48
C GLY A 181 -7.61 7.17 17.44
N PRO A 182 -8.49 6.56 18.24
CA PRO A 182 -8.84 5.15 18.09
C PRO A 182 -9.62 4.76 16.83
N LYS A 183 -9.86 3.45 16.68
CA LYS A 183 -10.71 2.81 15.65
C LYS A 183 -11.91 2.18 16.39
N MET A 184 -13.09 2.23 15.78
CA MET A 184 -14.32 1.58 16.29
C MET A 184 -14.58 0.28 15.51
N TYR A 185 -15.06 -0.76 16.19
CA TYR A 185 -15.55 -2.03 15.60
C TYR A 185 -17.01 -2.22 16.03
N ASN A 186 -17.94 -2.03 15.09
CA ASN A 186 -19.39 -2.06 15.36
C ASN A 186 -19.97 -3.18 14.51
N ALA A 187 -20.61 -4.17 15.13
CA ALA A 187 -21.22 -5.28 14.37
C ALA A 187 -22.29 -5.98 15.20
N TYR A 188 -23.30 -6.53 14.51
CA TYR A 188 -24.38 -7.36 15.07
C TYR A 188 -23.76 -8.67 15.62
N GLY A 189 -24.50 -9.38 16.48
CA GLY A 189 -24.09 -10.70 16.96
C GLY A 189 -24.46 -11.76 15.95
N LEU A 190 -23.68 -12.82 15.86
CA LEU A 190 -24.01 -13.98 15.01
C LEU A 190 -25.04 -14.84 15.77
N ILE A 191 -25.94 -15.51 15.06
CA ILE A 191 -27.22 -15.96 15.68
C ILE A 191 -27.35 -17.49 15.61
N THR A 192 -27.33 -18.07 14.42
CA THR A 192 -27.72 -19.48 14.19
C THR A 192 -26.55 -20.41 14.51
N ALA A 193 -26.82 -21.73 14.46
CA ALA A 193 -25.82 -22.82 14.55
C ALA A 193 -24.82 -22.73 13.40
N GLU A 194 -25.29 -22.51 12.17
CA GLU A 194 -24.46 -22.29 10.96
C GLU A 194 -23.52 -21.09 11.17
N ASP A 195 -23.96 -20.06 11.91
CA ASP A 195 -23.19 -18.82 12.14
C ASP A 195 -21.98 -19.13 13.04
N ARG A 196 -21.98 -20.27 13.73
CA ARG A 196 -20.93 -20.65 14.72
C ARG A 196 -19.56 -20.72 14.02
N ARG A 197 -19.53 -21.14 12.74
CA ARG A 197 -18.32 -21.33 11.89
C ARG A 197 -17.87 -20.02 11.22
N VAL A 198 -18.54 -18.89 11.47
CA VAL A 198 -18.31 -17.65 10.70
C VAL A 198 -17.64 -16.64 11.64
N GLY A 199 -16.82 -15.76 11.08
CA GLY A 199 -16.13 -14.69 11.83
C GLY A 199 -16.84 -13.35 11.68
N THR A 200 -16.84 -12.53 12.73
CA THR A 200 -17.12 -11.08 12.64
C THR A 200 -15.88 -10.42 12.02
N THR A 201 -14.68 -10.74 12.53
CA THR A 201 -13.39 -10.34 11.92
C THR A 201 -12.56 -11.61 11.74
N ASN A 202 -12.16 -11.89 10.51
CA ASN A 202 -11.37 -13.10 10.17
C ASN A 202 -9.96 -13.00 10.79
N LEU A 203 -9.27 -14.14 10.81
CA LEU A 203 -7.87 -14.26 11.32
C LEU A 203 -6.94 -13.33 10.53
N HIS A 204 -6.21 -12.48 11.26
CA HIS A 204 -5.21 -11.51 10.74
C HIS A 204 -4.19 -11.16 11.83
N LEU A 205 -3.14 -10.40 11.49
CA LEU A 205 -2.20 -9.87 12.52
C LEU A 205 -1.95 -8.37 12.22
N ASP A 206 -1.51 -7.64 13.24
CA ASP A 206 -1.21 -6.18 13.23
C ASP A 206 0.27 -6.01 13.61
N VAL A 207 0.98 -5.08 12.99
CA VAL A 207 2.43 -4.89 13.28
C VAL A 207 2.66 -4.05 14.56
N SER A 208 1.63 -3.39 15.09
N SER A 208 1.63 -3.38 15.08
CA SER A 208 1.66 -2.67 16.38
CA SER A 208 1.64 -2.66 16.38
C SER A 208 0.87 -3.45 17.44
C SER A 208 0.88 -3.46 17.45
N ASP A 209 1.09 -3.13 18.72
CA ASP A 209 0.28 -3.65 19.84
C ASP A 209 -1.09 -2.96 19.75
N ALA A 210 -2.14 -3.50 20.35
CA ALA A 210 -3.41 -2.76 20.53
C ALA A 210 -4.09 -3.12 21.84
N VAL A 211 -4.88 -2.18 22.33
CA VAL A 211 -5.88 -2.36 23.43
C VAL A 211 -7.30 -2.16 22.87
N ASN A 212 -8.15 -3.18 22.98
CA ASN A 212 -9.53 -3.18 22.41
C ASN A 212 -10.51 -3.18 23.59
N VAL A 213 -11.31 -2.12 23.75
CA VAL A 213 -12.30 -1.99 24.87
C VAL A 213 -13.76 -2.22 24.41
N MET A 214 -14.50 -3.12 25.08
CA MET A 214 -15.96 -3.35 24.89
C MET A 214 -16.72 -2.27 25.68
N VAL A 215 -17.21 -1.24 24.99
CA VAL A 215 -17.93 -0.09 25.62
C VAL A 215 -19.44 -0.34 25.62
N TYR A 216 -19.97 -1.31 24.86
CA TYR A 216 -21.44 -1.55 24.85
C TYR A 216 -21.76 -2.92 24.26
N VAL A 217 -22.61 -3.66 24.96
CA VAL A 217 -23.17 -4.95 24.48
C VAL A 217 -24.71 -4.84 24.41
N GLY A 218 -25.25 -5.15 23.23
CA GLY A 218 -26.68 -5.08 22.91
C GLY A 218 -27.26 -6.46 22.79
N ILE A 219 -28.09 -6.84 23.75
CA ILE A 219 -28.87 -8.11 23.73
C ILE A 219 -30.22 -7.80 23.07
N PRO A 220 -30.54 -8.39 21.90
CA PRO A 220 -31.72 -7.98 21.11
C PRO A 220 -33.10 -8.31 21.69
N ILE A 221 -34.14 -7.95 20.91
CA ILE A 221 -35.59 -8.16 21.19
C ILE A 221 -36.30 -8.53 19.88
N GLY A 222 -37.45 -9.21 19.98
CA GLY A 222 -38.23 -9.72 18.83
C GLY A 222 -37.85 -11.15 18.51
N GLU A 223 -36.56 -11.45 18.52
CA GLU A 223 -35.98 -12.81 18.42
C GLU A 223 -35.07 -13.01 19.63
N GLY A 224 -35.14 -12.07 20.58
CA GLY A 224 -34.38 -12.08 21.85
C GLY A 224 -34.84 -13.21 22.76
N ALA A 225 -34.13 -14.33 22.74
CA ALA A 225 -34.43 -15.56 23.50
C ALA A 225 -33.35 -16.60 23.20
N HIS A 226 -32.44 -16.29 22.27
CA HIS A 226 -31.32 -17.17 21.83
C HIS A 226 -30.16 -17.04 22.83
N ASP A 227 -30.45 -17.32 24.10
CA ASP A 227 -29.48 -17.34 25.23
C ASP A 227 -28.70 -18.66 25.25
N GLU A 228 -29.23 -19.72 24.63
CA GLU A 228 -28.73 -21.12 24.77
C GLU A 228 -27.74 -21.46 23.65
N GLU A 229 -27.85 -20.83 22.48
CA GLU A 229 -26.88 -21.00 21.37
C GLU A 229 -25.58 -20.24 21.73
N VAL A 230 -25.70 -19.17 22.53
CA VAL A 230 -24.54 -18.39 23.08
C VAL A 230 -23.70 -19.30 24.00
N LEU A 231 -24.30 -20.21 24.78
CA LEU A 231 -23.55 -21.14 25.69
C LEU A 231 -22.84 -22.23 24.88
N LYS A 232 -23.50 -22.79 23.87
N LYS A 232 -23.54 -22.81 23.89
CA LYS A 232 -22.93 -23.84 23.00
CA LYS A 232 -23.00 -23.81 22.94
C LYS A 232 -21.77 -23.27 22.17
C LYS A 232 -21.76 -23.25 22.24
N THR A 233 -21.80 -21.97 21.86
CA THR A 233 -20.71 -21.30 21.09
C THR A 233 -19.46 -21.12 21.98
N ILE A 234 -19.66 -20.64 23.19
CA ILE A 234 -18.58 -20.43 24.21
C ILE A 234 -17.95 -21.78 24.56
N ASP A 235 -18.79 -22.78 24.87
CA ASP A 235 -18.38 -24.18 25.19
C ASP A 235 -17.51 -24.77 24.06
N GLU A 236 -18.04 -24.78 22.84
CA GLU A 236 -17.39 -25.35 21.64
C GLU A 236 -16.20 -24.45 21.24
N GLY A 237 -16.24 -23.16 21.63
CA GLY A 237 -15.15 -22.18 21.43
C GLY A 237 -13.91 -22.48 22.25
N ASP A 238 -14.02 -23.40 23.23
CA ASP A 238 -12.92 -23.98 24.05
C ASP A 238 -12.70 -23.04 25.27
N ALA A 239 -13.72 -22.32 25.71
CA ALA A 239 -13.62 -21.35 26.82
C ALA A 239 -13.47 -22.10 28.14
N ASP A 240 -12.74 -21.52 29.09
CA ASP A 240 -12.32 -22.19 30.35
C ASP A 240 -13.46 -22.10 31.36
N GLU A 241 -13.41 -22.93 32.41
CA GLU A 241 -14.52 -23.09 33.40
C GLU A 241 -14.66 -21.81 34.25
N VAL A 242 -13.57 -21.10 34.54
CA VAL A 242 -13.58 -19.83 35.32
C VAL A 242 -14.35 -18.75 34.52
N THR A 243 -14.25 -18.79 33.19
CA THR A 243 -14.92 -17.85 32.25
C THR A 243 -16.42 -18.16 32.27
N LYS A 244 -16.78 -19.44 32.22
CA LYS A 244 -18.21 -19.87 32.24
C LYS A 244 -18.87 -19.45 33.56
N GLU A 245 -18.09 -19.24 34.62
CA GLU A 245 -18.62 -18.82 35.95
C GLU A 245 -19.01 -17.33 35.97
N ARG A 246 -18.39 -16.46 35.15
CA ARG A 246 -18.70 -15.00 35.06
C ARG A 246 -20.13 -14.76 34.55
N ILE A 247 -20.64 -15.67 33.70
CA ILE A 247 -22.03 -15.67 33.15
C ILE A 247 -23.01 -16.06 34.27
N HIS A 248 -22.90 -17.31 34.75
CA HIS A 248 -23.92 -18.00 35.60
C HIS A 248 -23.96 -17.40 37.02
N ASP A 249 -22.86 -16.83 37.52
CA ASP A 249 -22.71 -16.41 38.94
C ASP A 249 -22.80 -14.87 39.08
N HIS A 250 -22.15 -14.09 38.21
CA HIS A 250 -22.06 -12.60 38.30
C HIS A 250 -23.06 -11.91 37.35
N LYS A 251 -23.68 -12.65 36.41
CA LYS A 251 -24.63 -12.17 35.36
C LYS A 251 -24.02 -11.02 34.54
N GLU A 252 -22.74 -11.13 34.15
CA GLU A 252 -22.06 -10.13 33.26
C GLU A 252 -22.48 -10.41 31.81
N LYS A 253 -22.57 -9.36 30.97
CA LYS A 253 -23.00 -9.47 29.55
C LYS A 253 -21.82 -9.84 28.67
N PRO A 254 -21.77 -11.05 28.07
CA PRO A 254 -20.71 -11.42 27.13
C PRO A 254 -20.90 -10.82 25.73
N GLY A 255 -19.89 -10.11 25.21
CA GLY A 255 -19.90 -9.50 23.86
C GLY A 255 -19.40 -10.45 22.79
N ALA A 256 -18.15 -10.92 22.88
CA ALA A 256 -17.41 -11.53 21.76
C ALA A 256 -16.43 -12.62 22.24
N LEU A 257 -16.32 -13.67 21.43
CA LEU A 257 -15.37 -14.79 21.60
C LEU A 257 -14.17 -14.53 20.69
N TRP A 258 -12.99 -14.41 21.30
CA TRP A 258 -11.71 -14.23 20.58
C TRP A 258 -10.95 -15.56 20.58
N HIS A 259 -10.17 -15.79 19.54
CA HIS A 259 -9.00 -16.70 19.55
C HIS A 259 -7.74 -15.88 19.20
N ILE A 260 -6.74 -15.98 20.05
CA ILE A 260 -5.43 -15.32 19.83
C ILE A 260 -4.32 -16.40 19.86
N TYR A 261 -3.31 -16.23 19.01
CA TYR A 261 -2.16 -17.16 18.87
C TYR A 261 -0.89 -16.35 19.07
N ALA A 262 0.15 -16.96 19.67
CA ALA A 262 1.47 -16.31 19.86
C ALA A 262 2.06 -15.93 18.50
N ALA A 263 2.77 -14.79 18.45
CA ALA A 263 3.46 -14.30 17.24
C ALA A 263 4.38 -15.40 16.68
N LYS A 264 5.02 -16.19 17.55
CA LYS A 264 6.03 -17.21 17.13
C LYS A 264 5.32 -18.34 16.36
N ASP A 265 4.00 -18.46 16.44
CA ASP A 265 3.24 -19.58 15.83
C ASP A 265 2.63 -19.20 14.46
N ALA A 266 2.79 -17.96 14.00
CA ALA A 266 2.13 -17.46 12.77
C ALA A 266 2.50 -18.32 11.55
N GLU A 267 3.78 -18.68 11.37
CA GLU A 267 4.21 -19.47 10.17
C GLU A 267 3.63 -20.88 10.23
N LYS A 268 3.56 -21.56 11.36
CA LYS A 268 2.85 -22.87 11.40
C LYS A 268 1.38 -22.68 11.01
N ILE A 269 0.74 -21.57 11.42
CA ILE A 269 -0.67 -21.33 11.05
C ILE A 269 -0.71 -21.15 9.53
N ARG A 270 0.24 -20.44 8.93
CA ARG A 270 0.23 -20.28 7.45
C ARG A 270 0.35 -21.67 6.77
N GLU A 271 1.17 -22.57 7.30
CA GLU A 271 1.40 -23.90 6.70
C GLU A 271 0.06 -24.67 6.71
N LEU A 272 -0.68 -24.65 7.82
CA LEU A 272 -1.98 -25.34 7.92
C LEU A 272 -2.95 -24.77 6.86
N LEU A 273 -3.04 -23.44 6.78
CA LEU A 273 -4.08 -22.80 5.92
C LEU A 273 -3.70 -22.97 4.45
N ARG A 274 -2.41 -23.11 4.12
CA ARG A 274 -1.97 -23.49 2.75
C ARG A 274 -2.41 -24.93 2.44
N LYS A 275 -2.21 -25.85 3.37
CA LYS A 275 -2.63 -27.27 3.20
C LYS A 275 -4.15 -27.33 3.01
N VAL A 276 -4.91 -26.60 3.82
CA VAL A 276 -6.40 -26.65 3.74
C VAL A 276 -6.89 -25.98 2.43
N GLY A 277 -6.31 -24.85 2.01
CA GLY A 277 -6.61 -24.21 0.71
C GLY A 277 -6.48 -25.21 -0.44
N GLU A 278 -5.38 -25.96 -0.46
CA GLU A 278 -5.05 -27.00 -1.46
C GLU A 278 -6.15 -28.08 -1.44
N GLU A 279 -6.44 -28.66 -0.29
CA GLU A 279 -7.51 -29.67 -0.09
C GLU A 279 -8.86 -29.15 -0.64
N GLN A 280 -9.18 -27.88 -0.45
CA GLN A 280 -10.46 -27.27 -0.90
C GLN A 280 -10.32 -26.77 -2.34
N GLY A 281 -9.23 -27.16 -3.03
CA GLY A 281 -9.00 -26.87 -4.44
C GLY A 281 -8.86 -25.37 -4.74
N GLN A 282 -8.45 -24.54 -3.79
CA GLN A 282 -7.88 -23.20 -4.12
C GLN A 282 -6.59 -23.44 -4.92
N GLU A 283 -6.15 -22.47 -5.72
CA GLU A 283 -4.90 -22.60 -6.51
C GLU A 283 -4.00 -21.42 -6.12
N ASN A 284 -3.08 -21.65 -5.17
CA ASN A 284 -2.29 -20.58 -4.53
C ASN A 284 -0.81 -20.85 -4.77
N PRO A 285 0.03 -19.83 -5.07
CA PRO A 285 1.49 -19.97 -5.06
C PRO A 285 1.98 -20.40 -3.69
N PRO A 286 3.10 -21.16 -3.57
CA PRO A 286 3.49 -21.79 -2.30
C PRO A 286 3.96 -20.80 -1.23
N ASP A 287 4.11 -19.52 -1.58
CA ASP A 287 4.62 -18.42 -0.72
C ASP A 287 3.47 -17.51 -0.25
N HIS A 288 2.25 -17.68 -0.78
CA HIS A 288 1.11 -16.76 -0.52
C HIS A 288 0.76 -16.76 0.97
N ASP A 289 0.26 -15.62 1.46
CA ASP A 289 0.07 -15.37 2.91
C ASP A 289 -1.41 -15.44 3.26
N PRO A 290 -1.94 -16.61 3.71
CA PRO A 290 -3.34 -16.73 4.07
C PRO A 290 -3.73 -15.95 5.32
N ILE A 291 -2.78 -15.55 6.17
CA ILE A 291 -3.09 -14.66 7.31
C ILE A 291 -3.31 -13.24 6.76
N HIS A 292 -2.40 -12.71 5.92
CA HIS A 292 -2.55 -11.31 5.38
C HIS A 292 -3.84 -11.17 4.55
N ASP A 293 -4.25 -12.22 3.82
CA ASP A 293 -5.51 -12.30 3.02
C ASP A 293 -6.77 -12.03 3.86
N GLN A 294 -6.74 -12.38 5.15
CA GLN A 294 -7.85 -12.10 6.09
C GLN A 294 -9.10 -12.83 5.59
N SER A 295 -8.93 -14.04 5.05
CA SER A 295 -10.02 -14.78 4.39
C SER A 295 -10.45 -15.99 5.23
N TRP A 296 -9.77 -16.30 6.34
CA TRP A 296 -10.05 -17.53 7.14
C TRP A 296 -10.64 -17.20 8.52
N TYR A 297 -11.61 -18.01 8.96
CA TYR A 297 -12.02 -18.09 10.39
C TYR A 297 -11.74 -19.51 10.87
N LEU A 298 -10.97 -19.72 11.95
CA LEU A 298 -10.65 -21.10 12.45
C LEU A 298 -11.83 -21.58 13.30
N ASP A 299 -12.68 -22.46 12.74
CA ASP A 299 -13.81 -23.11 13.44
C ASP A 299 -13.28 -24.24 14.34
N GLN A 300 -14.14 -24.93 15.08
CA GLN A 300 -13.69 -25.98 16.04
C GLN A 300 -12.82 -27.02 15.32
N THR A 301 -13.15 -27.38 14.07
CA THR A 301 -12.39 -28.38 13.27
C THR A 301 -10.97 -27.86 12.97
N LEU A 302 -10.84 -26.63 12.50
CA LEU A 302 -9.50 -26.09 12.13
C LEU A 302 -8.67 -25.90 13.40
N ARG A 303 -9.26 -25.57 14.55
CA ARG A 303 -8.49 -25.32 15.79
C ARG A 303 -7.97 -26.64 16.34
N LYS A 304 -8.75 -27.72 16.21
CA LYS A 304 -8.31 -29.06 16.67
C LYS A 304 -7.15 -29.55 15.79
N ARG A 305 -7.28 -29.35 14.48
CA ARG A 305 -6.25 -29.73 13.50
C ARG A 305 -4.95 -28.94 13.73
N LEU A 306 -5.05 -27.65 14.06
CA LEU A 306 -3.86 -26.79 14.36
C LEU A 306 -3.11 -27.39 15.55
N TYR A 307 -3.85 -27.79 16.58
CA TYR A 307 -3.32 -28.36 17.84
C TYR A 307 -2.62 -29.69 17.52
N GLU A 308 -3.27 -30.59 16.77
CA GLU A 308 -2.90 -32.02 16.67
C GLU A 308 -1.76 -32.18 15.65
N GLU A 309 -1.90 -31.54 14.48
CA GLU A 309 -0.99 -31.68 13.33
C GLU A 309 0.22 -30.72 13.41
N TYR A 310 0.15 -29.62 14.17
CA TYR A 310 1.21 -28.58 14.15
C TYR A 310 1.70 -28.22 15.55
N GLY A 311 1.08 -28.76 16.59
CA GLY A 311 1.51 -28.53 17.98
C GLY A 311 1.17 -27.14 18.51
N VAL A 312 0.16 -26.48 17.93
CA VAL A 312 -0.10 -25.04 18.25
C VAL A 312 -1.40 -24.89 19.05
N GLN A 313 -1.27 -24.26 20.20
CA GLN A 313 -2.38 -23.99 21.16
C GLN A 313 -2.60 -22.46 21.18
N GLY A 314 -3.85 -22.04 21.33
CA GLY A 314 -4.24 -20.61 21.36
C GLY A 314 -4.84 -20.24 22.69
N TRP A 315 -5.25 -18.99 22.83
CA TRP A 315 -6.01 -18.45 23.98
C TRP A 315 -7.44 -18.17 23.49
N ALA A 316 -8.42 -18.85 24.07
CA ALA A 316 -9.86 -18.63 23.80
C ALA A 316 -10.36 -17.68 24.87
N ILE A 317 -10.75 -16.45 24.48
CA ILE A 317 -11.07 -15.34 25.42
C ILE A 317 -12.51 -14.86 25.17
N VAL A 318 -13.32 -14.74 26.23
CA VAL A 318 -14.67 -14.11 26.13
C VAL A 318 -14.54 -12.70 26.67
N GLN A 319 -14.82 -11.72 25.82
CA GLN A 319 -14.73 -10.29 26.18
C GLN A 319 -16.13 -9.83 26.61
N PHE A 320 -16.30 -9.53 27.89
CA PHE A 320 -17.54 -9.01 28.52
C PHE A 320 -17.55 -7.47 28.42
N LEU A 321 -18.71 -6.86 28.65
CA LEU A 321 -18.83 -5.38 28.79
C LEU A 321 -17.70 -4.90 29.71
N GLY A 322 -16.99 -3.85 29.32
CA GLY A 322 -15.91 -3.27 30.12
C GLY A 322 -14.56 -4.00 30.05
N ASP A 323 -14.48 -5.20 29.45
CA ASP A 323 -13.17 -5.88 29.28
C ASP A 323 -12.29 -5.18 28.22
N ALA A 324 -11.05 -4.83 28.58
CA ALA A 324 -10.00 -4.42 27.65
C ALA A 324 -9.11 -5.63 27.28
N VAL A 325 -9.05 -6.01 25.99
CA VAL A 325 -8.12 -7.08 25.48
C VAL A 325 -6.85 -6.40 24.95
N PHE A 326 -5.70 -6.74 25.52
CA PHE A 326 -4.34 -6.34 25.04
C PHE A 326 -3.83 -7.39 24.04
N ILE A 327 -3.65 -7.00 22.77
CA ILE A 327 -3.22 -7.92 21.66
C ILE A 327 -1.76 -7.64 21.33
N PRO A 328 -0.85 -8.61 21.53
CA PRO A 328 0.55 -8.37 21.18
C PRO A 328 0.82 -8.25 19.66
N ALA A 329 1.70 -7.32 19.28
CA ALA A 329 2.20 -7.14 17.89
C ALA A 329 2.59 -8.49 17.30
N GLY A 330 2.11 -8.80 16.09
CA GLY A 330 2.42 -10.03 15.36
C GLY A 330 1.55 -11.23 15.75
N ALA A 331 0.71 -11.14 16.81
CA ALA A 331 -0.15 -12.26 17.23
C ALA A 331 -1.37 -12.39 16.32
N PRO A 332 -1.53 -13.49 15.55
CA PRO A 332 -2.76 -13.76 14.82
C PRO A 332 -3.98 -13.79 15.74
N HIS A 333 -5.09 -13.16 15.33
CA HIS A 333 -6.36 -13.11 16.11
C HIS A 333 -7.60 -13.01 15.21
N GLN A 334 -8.69 -13.57 15.69
CA GLN A 334 -10.05 -13.62 15.09
C GLN A 334 -11.09 -13.27 16.16
N VAL A 335 -12.22 -12.70 15.74
CA VAL A 335 -13.30 -12.24 16.66
C VAL A 335 -14.66 -12.73 16.12
N HIS A 336 -15.50 -13.25 17.02
CA HIS A 336 -16.86 -13.77 16.78
C HIS A 336 -17.80 -13.10 17.79
N ASN A 337 -18.58 -12.10 17.35
CA ASN A 337 -19.56 -11.40 18.21
C ASN A 337 -20.67 -12.39 18.60
N LEU A 338 -20.97 -12.48 19.90
CA LEU A 338 -22.03 -13.34 20.46
C LEU A 338 -23.32 -12.53 20.46
N TYR A 339 -23.26 -11.27 20.83
CA TYR A 339 -24.35 -10.28 20.74
C TYR A 339 -23.85 -9.07 19.95
N SER A 340 -24.71 -8.06 19.76
CA SER A 340 -24.32 -6.80 19.09
C SER A 340 -23.28 -6.06 19.93
N CYS A 341 -22.14 -5.65 19.35
CA CYS A 341 -21.04 -5.00 20.08
C CYS A 341 -20.63 -3.65 19.53
N ILE A 342 -20.31 -2.73 20.45
CA ILE A 342 -19.49 -1.51 20.21
C ILE A 342 -18.15 -1.70 20.92
N LYS A 343 -17.08 -1.72 20.14
CA LYS A 343 -15.67 -1.82 20.62
C LYS A 343 -14.91 -0.58 20.14
N VAL A 344 -13.96 -0.11 20.94
CA VAL A 344 -13.00 0.96 20.56
C VAL A 344 -11.59 0.51 20.92
N ALA A 345 -10.66 0.65 19.98
CA ALA A 345 -9.28 0.14 20.09
C ALA A 345 -8.29 1.26 19.82
N GLU A 346 -7.18 1.28 20.55
CA GLU A 346 -6.04 2.20 20.35
C GLU A 346 -4.79 1.37 20.04
N ASP A 347 -4.10 1.67 18.95
CA ASP A 347 -2.77 1.10 18.65
C ASP A 347 -1.68 1.79 19.49
N PHE A 348 -0.62 1.06 19.82
CA PHE A 348 0.58 1.57 20.55
C PHE A 348 1.78 0.71 20.17
N VAL A 349 2.99 1.20 20.51
CA VAL A 349 4.26 0.47 20.20
C VAL A 349 5.05 0.33 21.49
N SER A 350 4.92 -0.84 22.14
CA SER A 350 5.67 -1.17 23.37
C SER A 350 7.12 -1.53 23.01
N PRO A 351 8.08 -1.24 23.90
CA PRO A 351 9.45 -1.64 23.67
C PRO A 351 9.60 -3.16 23.55
N GLU A 352 8.79 -3.93 24.30
CA GLU A 352 8.78 -5.41 24.34
C GLU A 352 8.60 -5.99 22.93
N HIS A 353 7.86 -5.35 22.03
CA HIS A 353 7.40 -5.97 20.76
C HIS A 353 7.78 -5.14 19.51
N VAL A 354 8.70 -4.18 19.67
CA VAL A 354 9.06 -3.20 18.60
C VAL A 354 9.68 -3.91 17.38
N LYS A 355 10.31 -5.07 17.53
CA LYS A 355 10.79 -5.90 16.40
C LYS A 355 9.70 -6.09 15.34
N HIS A 356 8.43 -6.22 15.73
CA HIS A 356 7.36 -6.64 14.81
C HIS A 356 7.08 -5.54 13.78
N CYS A 357 7.51 -4.29 14.01
CA CYS A 357 7.22 -3.18 13.05
C CYS A 357 8.49 -2.72 12.29
N PHE A 358 9.65 -3.35 12.50
CA PHE A 358 10.94 -2.98 11.88
C PHE A 358 10.97 -3.40 10.40
N ARG A 359 11.45 -2.55 9.49
CA ARG A 359 11.33 -2.77 8.02
C ARG A 359 12.53 -3.56 7.45
N LEU A 360 13.57 -3.85 8.24
CA LEU A 360 14.76 -4.61 7.72
C LEU A 360 14.90 -5.98 8.39
N THR A 361 15.85 -6.77 7.89
CA THR A 361 16.19 -8.18 8.28
C THR A 361 14.90 -8.96 8.58
N MET B 23 23.92 6.10 -45.90
CA MET B 23 24.80 5.04 -45.34
C MET B 23 24.78 5.11 -43.81
N THR B 24 24.18 6.16 -43.22
CA THR B 24 23.98 6.25 -41.75
C THR B 24 23.34 4.94 -41.29
N SER B 25 24.00 4.24 -40.36
CA SER B 25 23.52 2.96 -39.79
C SER B 25 22.22 3.21 -39.00
N HIS B 26 21.13 2.60 -39.46
CA HIS B 26 19.78 2.70 -38.86
C HIS B 26 18.94 1.47 -39.16
N SER B 27 17.83 1.34 -38.45
CA SER B 27 16.74 0.34 -38.67
C SER B 27 15.46 0.95 -38.10
N TRP B 28 14.34 0.25 -38.21
CA TRP B 28 13.00 0.75 -37.83
C TRP B 28 12.37 -0.26 -36.89
N LEU B 29 11.71 0.22 -35.83
CA LEU B 29 10.85 -0.62 -34.94
C LEU B 29 9.43 -0.07 -35.02
N CYS B 30 8.51 -0.66 -34.25
CA CYS B 30 7.07 -0.29 -34.18
C CYS B 30 6.49 -0.27 -35.60
N ASP B 31 6.72 -1.37 -36.35
CA ASP B 31 6.18 -1.55 -37.73
C ASP B 31 6.56 -0.36 -38.60
N GLY B 32 7.85 0.03 -38.60
CA GLY B 32 8.41 1.15 -39.39
C GLY B 32 8.11 2.56 -38.86
N ARG B 33 7.47 2.74 -37.70
CA ARG B 33 7.12 4.10 -37.15
C ARG B 33 8.17 4.63 -36.15
N LEU B 34 9.24 3.88 -35.87
CA LEU B 34 10.25 4.33 -34.88
C LEU B 34 11.64 4.17 -35.48
N LEU B 35 12.30 5.29 -35.76
CA LEU B 35 13.72 5.33 -36.17
C LEU B 35 14.60 4.87 -35.02
N CYS B 36 15.58 4.02 -35.34
CA CYS B 36 16.66 3.55 -34.46
C CYS B 36 17.99 3.83 -35.12
N LEU B 37 18.81 4.71 -34.55
CA LEU B 37 20.20 5.01 -35.02
C LEU B 37 21.19 4.22 -34.17
N HIS B 38 22.20 3.60 -34.79
CA HIS B 38 23.06 2.59 -34.12
C HIS B 38 24.48 3.11 -33.90
N ASP B 39 24.89 4.21 -34.51
CA ASP B 39 26.21 4.82 -34.19
C ASP B 39 25.99 6.17 -33.49
N PRO B 40 26.19 6.24 -32.16
CA PRO B 40 25.85 7.45 -31.40
C PRO B 40 26.69 8.69 -31.78
N SER B 41 27.89 8.49 -32.35
CA SER B 41 28.80 9.61 -32.73
C SER B 41 28.84 9.88 -34.24
N ASN B 42 27.99 9.27 -35.08
CA ASN B 42 27.98 9.60 -36.53
C ASN B 42 27.43 11.04 -36.73
N LYS B 43 28.22 11.94 -37.33
CA LYS B 43 27.84 13.38 -37.52
C LYS B 43 26.70 13.55 -38.55
N ASN B 44 26.31 12.53 -39.32
CA ASN B 44 25.13 12.64 -40.24
C ASN B 44 23.81 12.13 -39.59
N ASN B 45 23.78 11.81 -38.28
CA ASN B 45 22.57 11.23 -37.62
C ASN B 45 21.37 12.18 -37.84
N TRP B 46 21.62 13.50 -37.87
CA TRP B 46 20.57 14.54 -37.97
C TRP B 46 19.74 14.37 -39.26
N LYS B 47 20.29 13.81 -40.32
CA LYS B 47 19.68 13.77 -41.68
C LYS B 47 18.34 13.00 -41.68
N ILE B 48 18.30 11.78 -41.18
CA ILE B 48 17.06 10.96 -41.07
C ILE B 48 16.27 11.37 -39.81
N PHE B 49 16.95 11.80 -38.75
CA PHE B 49 16.32 12.27 -37.50
C PHE B 49 15.29 13.36 -37.77
N ARG B 50 15.68 14.37 -38.57
CA ARG B 50 14.94 15.63 -38.85
C ARG B 50 13.45 15.38 -39.17
N GLU B 51 13.15 14.55 -40.18
CA GLU B 51 11.75 14.31 -40.60
C GLU B 51 10.96 13.58 -39.53
N CYS B 52 11.51 12.54 -38.89
CA CYS B 52 10.81 11.83 -37.80
C CYS B 52 10.42 12.84 -36.69
N TRP B 53 11.36 13.69 -36.29
CA TRP B 53 11.21 14.69 -35.19
C TRP B 53 10.18 15.74 -35.60
N LYS B 54 10.15 16.16 -36.89
CA LYS B 54 9.14 17.11 -37.41
C LYS B 54 7.75 16.49 -37.31
N GLN B 55 7.60 15.20 -37.62
CA GLN B 55 6.30 14.47 -37.55
C GLN B 55 5.89 14.18 -36.08
N GLY B 56 6.69 14.54 -35.07
CA GLY B 56 6.27 14.43 -33.66
C GLY B 56 6.54 13.04 -33.08
N GLN B 57 7.42 12.28 -33.73
CA GLN B 57 7.74 10.90 -33.32
C GLN B 57 8.92 10.93 -32.35
N PRO B 58 8.94 10.01 -31.38
CA PRO B 58 10.17 9.72 -30.66
C PRO B 58 11.16 9.01 -31.60
N VAL B 59 12.41 9.00 -31.17
CA VAL B 59 13.58 8.37 -31.84
C VAL B 59 14.42 7.71 -30.76
N LEU B 60 14.99 6.56 -31.12
CA LEU B 60 15.92 5.78 -30.28
C LEU B 60 17.32 5.81 -30.89
N VAL B 61 18.35 5.98 -30.06
CA VAL B 61 19.77 5.90 -30.47
C VAL B 61 20.43 4.89 -29.53
N SER B 62 21.03 3.85 -30.09
CA SER B 62 21.62 2.74 -29.30
C SER B 62 23.13 2.98 -29.15
N GLY B 63 23.75 2.35 -28.15
CA GLY B 63 25.22 2.24 -28.07
C GLY B 63 25.86 3.31 -27.21
N VAL B 64 25.09 4.13 -26.47
CA VAL B 64 25.68 5.27 -25.69
C VAL B 64 26.51 4.74 -24.50
N HIS B 65 26.16 3.59 -23.93
CA HIS B 65 26.88 2.95 -22.79
C HIS B 65 28.36 2.72 -23.15
N LYS B 66 28.64 2.27 -24.37
CA LYS B 66 30.02 1.96 -24.83
C LYS B 66 30.88 3.23 -24.83
N LYS B 67 30.27 4.42 -24.88
CA LYS B 67 31.00 5.71 -24.90
C LYS B 67 31.34 6.22 -23.48
N LEU B 68 30.67 5.72 -22.44
CA LEU B 68 30.80 6.27 -21.06
C LEU B 68 31.93 5.55 -20.27
N LYS B 69 32.38 6.13 -19.17
CA LYS B 69 33.17 5.42 -18.13
C LYS B 69 32.24 4.55 -17.28
N SER B 70 32.18 3.25 -17.57
CA SER B 70 31.16 2.32 -16.99
C SER B 70 31.26 2.26 -15.45
N GLU B 71 32.46 2.40 -14.88
CA GLU B 71 32.71 2.35 -13.40
C GLU B 71 32.04 3.57 -12.71
N LEU B 72 31.74 4.66 -13.43
CA LEU B 72 31.06 5.82 -12.80
C LEU B 72 29.56 5.50 -12.57
N TRP B 73 28.98 4.55 -13.31
CA TRP B 73 27.51 4.39 -13.44
C TRP B 73 27.10 3.01 -12.88
N LYS B 74 27.49 2.74 -11.62
CA LYS B 74 27.26 1.44 -10.94
C LYS B 74 26.65 1.70 -9.56
N PRO B 75 25.67 0.88 -9.12
CA PRO B 75 25.05 1.06 -7.81
C PRO B 75 26.06 1.19 -6.64
N GLU B 76 27.09 0.34 -6.64
CA GLU B 76 28.09 0.23 -5.53
C GLU B 76 28.87 1.53 -5.42
N ALA B 77 29.13 2.21 -6.53
CA ALA B 77 29.89 3.48 -6.57
C ALA B 77 29.02 4.62 -6.00
N PHE B 78 27.73 4.70 -6.33
CA PHE B 78 26.86 5.73 -5.72
C PHE B 78 26.77 5.47 -4.21
N SER B 79 26.66 4.21 -3.79
CA SER B 79 26.54 3.85 -2.35
C SER B 79 27.80 4.29 -1.59
N GLN B 80 28.99 3.91 -2.08
CA GLN B 80 30.29 4.22 -1.43
C GLN B 80 30.53 5.72 -1.40
N GLU B 81 30.22 6.46 -2.46
CA GLU B 81 30.49 7.92 -2.51
C GLU B 81 29.43 8.73 -1.80
N PHE B 82 28.13 8.37 -1.84
CA PHE B 82 27.05 9.25 -1.34
C PHE B 82 26.15 8.55 -0.31
N GLY B 83 26.52 7.36 0.15
CA GLY B 83 25.67 6.45 0.94
C GLY B 83 25.20 7.03 2.27
N ASP B 84 25.87 8.03 2.84
CA ASP B 84 25.53 8.53 4.19
C ASP B 84 24.65 9.78 4.11
N GLN B 85 24.24 10.20 2.91
CA GLN B 85 23.22 11.29 2.74
C GLN B 85 21.82 10.80 3.15
N ASP B 86 20.98 11.74 3.60
CA ASP B 86 19.57 11.52 3.99
C ASP B 86 18.70 11.82 2.78
N VAL B 87 17.64 11.02 2.57
CA VAL B 87 16.84 11.10 1.32
C VAL B 87 15.45 10.52 1.59
N ASP B 88 14.46 10.91 0.80
CA ASP B 88 13.11 10.29 0.80
C ASP B 88 13.07 9.25 -0.33
N LEU B 89 12.36 8.14 -0.09
CA LEU B 89 12.02 7.12 -1.12
C LEU B 89 10.50 7.16 -1.36
N VAL B 90 10.07 6.72 -2.55
CA VAL B 90 8.63 6.48 -2.90
C VAL B 90 8.41 4.98 -3.12
N ASN B 91 7.39 4.43 -2.48
CA ASN B 91 6.89 3.05 -2.71
C ASN B 91 6.03 3.09 -3.99
N CYS B 92 6.48 2.43 -5.05
CA CYS B 92 5.84 2.49 -6.41
C CYS B 92 4.44 1.84 -6.42
N ARG B 93 4.17 0.86 -5.56
CA ARG B 93 2.84 0.18 -5.50
C ARG B 93 1.74 1.11 -4.95
N ASN B 94 2.03 1.97 -3.96
CA ASN B 94 0.95 2.80 -3.34
C ASN B 94 1.27 4.29 -3.35
N CYS B 95 2.43 4.71 -3.86
CA CYS B 95 2.82 6.15 -4.01
C CYS B 95 3.12 6.77 -2.63
N ALA B 96 3.28 5.98 -1.58
CA ALA B 96 3.60 6.49 -0.21
C ALA B 96 5.07 6.92 -0.14
N ILE B 97 5.37 7.95 0.65
CA ILE B 97 6.73 8.48 0.87
C ILE B 97 7.30 7.82 2.13
N ILE B 98 8.46 7.17 2.02
CA ILE B 98 9.34 6.76 3.14
C ILE B 98 10.40 7.85 3.38
N SER B 99 10.22 8.69 4.41
CA SER B 99 11.05 9.92 4.61
C SER B 99 12.30 9.64 5.44
N ASP B 100 13.39 10.29 5.03
CA ASP B 100 14.57 10.51 5.88
C ASP B 100 15.24 9.17 6.18
N VAL B 101 15.50 8.36 5.17
CA VAL B 101 16.39 7.17 5.28
C VAL B 101 17.74 7.49 4.63
N LYS B 102 18.67 6.54 4.59
CA LYS B 102 20.03 6.72 4.03
C LYS B 102 20.05 6.28 2.55
N VAL B 103 20.71 7.07 1.70
CA VAL B 103 20.95 6.74 0.27
C VAL B 103 21.46 5.29 0.21
N ARG B 104 22.31 4.86 1.14
CA ARG B 104 22.87 3.47 1.09
C ARG B 104 21.75 2.42 1.25
N ASP B 105 20.64 2.76 1.90
CA ASP B 105 19.52 1.78 2.12
C ASP B 105 18.82 1.49 0.79
N PHE B 106 18.77 2.47 -0.11
CA PHE B 106 18.25 2.29 -1.48
C PHE B 106 19.22 1.40 -2.28
N TRP B 107 20.49 1.79 -2.39
CA TRP B 107 21.47 1.16 -3.34
C TRP B 107 21.79 -0.27 -2.90
N ASP B 108 21.81 -0.56 -1.61
CA ASP B 108 22.28 -1.90 -1.15
C ASP B 108 21.22 -2.95 -1.48
N GLY B 109 19.95 -2.55 -1.69
CA GLY B 109 18.85 -3.42 -2.14
C GLY B 109 18.63 -3.38 -3.66
N PHE B 110 19.44 -2.62 -4.41
CA PHE B 110 19.19 -2.41 -5.86
C PHE B 110 19.03 -3.75 -6.60
N GLU B 111 19.88 -4.74 -6.30
CA GLU B 111 19.90 -6.06 -6.97
C GLU B 111 19.77 -7.24 -5.99
N ILE B 112 19.87 -7.03 -4.67
CA ILE B 112 19.72 -8.07 -3.60
C ILE B 112 18.36 -7.87 -2.91
N ILE B 113 17.36 -8.67 -3.24
CA ILE B 113 15.94 -8.39 -2.87
C ILE B 113 15.77 -8.51 -1.34
N CYS B 114 16.49 -9.41 -0.69
CA CYS B 114 16.31 -9.69 0.76
C CYS B 114 16.85 -8.50 1.58
N LYS B 115 17.64 -7.59 0.96
CA LYS B 115 18.22 -6.39 1.63
C LYS B 115 17.24 -5.21 1.53
N ARG B 116 16.10 -5.37 0.90
CA ARG B 116 15.17 -4.24 0.67
C ARG B 116 14.38 -3.91 1.93
N LEU B 117 14.11 -2.62 2.16
CA LEU B 117 13.09 -2.16 3.14
C LEU B 117 11.74 -2.86 2.84
N ARG B 118 11.03 -3.32 3.89
CA ARG B 118 9.76 -4.08 3.77
C ARG B 118 8.56 -3.20 4.08
N SER B 119 7.43 -3.52 3.49
CA SER B 119 6.12 -2.90 3.81
C SER B 119 5.48 -3.62 5.00
N GLU B 120 4.35 -3.06 5.50
CA GLU B 120 3.52 -3.55 6.65
C GLU B 120 3.27 -5.06 6.53
N ASP B 121 3.17 -5.57 5.30
CA ASP B 121 2.72 -6.95 4.98
C ASP B 121 3.89 -7.92 4.95
N GLY B 122 5.10 -7.46 5.28
CA GLY B 122 6.33 -8.28 5.26
C GLY B 122 6.99 -8.40 3.90
N GLN B 123 6.46 -7.78 2.84
CA GLN B 123 7.03 -7.93 1.47
C GLN B 123 8.12 -6.88 1.24
N PRO B 124 9.18 -7.26 0.49
CA PRO B 124 10.19 -6.32 -0.01
C PRO B 124 9.54 -5.25 -0.90
N MET B 125 9.88 -3.98 -0.69
CA MET B 125 9.21 -2.88 -1.43
C MET B 125 9.86 -2.67 -2.81
N VAL B 126 9.07 -2.19 -3.75
CA VAL B 126 9.59 -1.63 -5.03
C VAL B 126 9.67 -0.13 -4.83
N LEU B 127 10.89 0.37 -4.77
CA LEU B 127 11.17 1.76 -4.37
C LEU B 127 11.85 2.54 -5.51
N LYS B 128 11.66 3.85 -5.51
CA LYS B 128 12.44 4.80 -6.31
C LYS B 128 12.97 5.93 -5.43
N LEU B 129 14.18 6.37 -5.73
CA LEU B 129 14.87 7.50 -5.09
C LEU B 129 14.16 8.76 -5.58
N LYS B 130 13.75 9.64 -4.67
CA LYS B 130 13.04 10.90 -5.01
C LYS B 130 14.01 12.09 -4.90
N ASP B 131 13.92 13.02 -5.86
CA ASP B 131 14.61 14.33 -5.88
C ASP B 131 16.09 14.16 -5.52
N TRP B 132 16.84 13.34 -6.25
CA TRP B 132 18.24 13.05 -5.94
C TRP B 132 19.07 12.94 -7.21
N PRO B 133 20.21 13.67 -7.30
CA PRO B 133 20.60 14.69 -6.32
C PRO B 133 19.58 15.81 -6.18
N PRO B 134 19.50 16.49 -5.02
CA PRO B 134 18.47 17.50 -4.76
C PRO B 134 18.56 18.72 -5.70
N GLY B 135 17.42 19.06 -6.30
CA GLY B 135 17.23 20.19 -7.23
C GLY B 135 18.22 20.16 -8.38
N GLU B 136 19.16 21.11 -8.41
CA GLU B 136 20.11 21.38 -9.51
C GLU B 136 21.54 21.10 -9.03
N ASP B 137 21.68 20.26 -8.00
CA ASP B 137 22.99 19.90 -7.39
C ASP B 137 23.74 18.83 -8.20
N PHE B 138 23.19 18.34 -9.32
CA PHE B 138 23.81 17.21 -10.09
C PHE B 138 25.23 17.62 -10.53
N ARG B 139 25.37 18.76 -11.19
CA ARG B 139 26.69 19.31 -11.62
C ARG B 139 27.64 19.49 -10.43
N ASP B 140 27.14 20.07 -9.33
CA ASP B 140 27.94 20.38 -8.12
C ASP B 140 28.30 19.10 -7.36
N MET B 141 27.35 18.17 -7.17
CA MET B 141 27.60 16.94 -6.39
C MET B 141 28.40 15.92 -7.19
N MET B 142 28.23 15.87 -8.52
CA MET B 142 28.81 14.79 -9.38
C MET B 142 29.47 15.39 -10.64
N PRO B 143 30.56 16.19 -10.51
CA PRO B 143 31.14 16.88 -11.65
C PRO B 143 31.74 15.98 -12.75
N THR B 144 32.35 14.85 -12.39
CA THR B 144 32.98 13.93 -13.38
C THR B 144 31.89 13.15 -14.14
N ARG B 145 30.79 12.81 -13.47
CA ARG B 145 29.59 12.19 -14.12
C ARG B 145 28.92 13.20 -15.04
N PHE B 146 28.76 14.46 -14.61
CA PHE B 146 28.23 15.52 -15.49
C PHE B 146 29.03 15.53 -16.81
N GLU B 147 30.36 15.54 -16.73
CA GLU B 147 31.27 15.71 -17.90
C GLU B 147 31.21 14.45 -18.77
N ASP B 148 31.19 13.28 -18.16
CA ASP B 148 31.13 11.99 -18.90
C ASP B 148 29.81 11.98 -19.71
N LEU B 149 28.70 12.42 -19.12
CA LEU B 149 27.39 12.38 -19.83
C LEU B 149 27.38 13.39 -21.01
N MET B 150 27.69 14.67 -20.74
CA MET B 150 27.45 15.76 -21.73
C MET B 150 28.36 15.57 -22.94
N GLU B 151 29.58 15.04 -22.74
CA GLU B 151 30.57 14.86 -23.82
C GLU B 151 30.13 13.69 -24.72
N ASN B 152 29.20 12.85 -24.28
CA ASN B 152 28.88 11.59 -25.02
C ASN B 152 27.40 11.51 -25.38
N LEU B 153 26.61 12.56 -25.15
CA LEU B 153 25.18 12.62 -25.57
C LEU B 153 25.10 12.55 -27.09
N PRO B 154 24.20 11.74 -27.66
CA PRO B 154 23.93 11.75 -29.10
C PRO B 154 23.18 13.02 -29.57
N LEU B 155 23.20 13.25 -30.86
CA LEU B 155 22.68 14.50 -31.52
C LEU B 155 23.08 15.74 -30.71
N PRO B 156 24.40 15.92 -30.52
CA PRO B 156 24.92 16.97 -29.63
C PRO B 156 24.56 18.41 -30.05
N GLU B 157 24.35 18.67 -31.35
CA GLU B 157 23.88 19.99 -31.89
C GLU B 157 22.50 20.32 -31.30
N TYR B 158 21.73 19.29 -30.92
CA TYR B 158 20.37 19.42 -30.31
C TYR B 158 20.44 19.44 -28.77
N THR B 159 21.33 18.62 -28.20
CA THR B 159 21.19 18.19 -26.78
C THR B 159 22.18 18.92 -25.85
N LYS B 160 23.36 19.31 -26.32
CA LYS B 160 24.34 20.05 -25.47
C LYS B 160 23.89 21.51 -25.31
N ARG B 161 24.30 22.18 -24.22
N ARG B 161 24.32 22.16 -24.22
CA ARG B 161 23.86 23.57 -23.92
CA ARG B 161 23.95 23.56 -23.86
C ARG B 161 24.27 24.52 -25.05
C ARG B 161 24.29 24.53 -24.99
N ASP B 162 25.50 24.41 -25.55
CA ASP B 162 26.00 25.31 -26.61
C ASP B 162 25.84 24.64 -27.98
N GLY B 163 24.94 23.65 -28.10
CA GLY B 163 24.56 23.08 -29.41
C GLY B 163 24.06 24.14 -30.39
N ARG B 164 24.39 23.98 -31.67
CA ARG B 164 23.98 24.94 -32.73
C ARG B 164 22.45 25.03 -32.74
N LEU B 165 21.74 23.91 -32.51
CA LEU B 165 20.26 23.89 -32.67
C LEU B 165 19.53 23.77 -31.31
N ASN B 166 20.22 23.87 -30.17
CA ASN B 166 19.54 23.93 -28.85
C ASN B 166 19.25 25.40 -28.55
N LEU B 167 17.97 25.75 -28.36
CA LEU B 167 17.55 27.17 -28.12
C LEU B 167 17.39 27.48 -26.63
N ALA B 168 17.63 26.52 -25.72
CA ALA B 168 17.29 26.64 -24.29
C ALA B 168 18.02 27.84 -23.66
N SER B 169 19.31 28.03 -23.93
CA SER B 169 20.08 29.14 -23.30
C SER B 169 19.73 30.50 -23.94
N ARG B 170 19.07 30.55 -25.11
CA ARG B 170 18.83 31.82 -25.82
C ARG B 170 17.43 32.37 -25.54
N LEU B 171 16.44 31.52 -25.27
CA LEU B 171 15.00 31.90 -25.25
C LEU B 171 14.55 32.48 -23.90
N PRO B 172 13.63 33.46 -23.92
CA PRO B 172 12.99 33.94 -22.69
C PRO B 172 12.25 32.85 -21.92
N SER B 173 11.90 33.15 -20.67
CA SER B 173 11.28 32.22 -19.69
C SER B 173 9.88 31.79 -20.10
N TYR B 174 9.23 32.49 -21.05
CA TYR B 174 7.88 32.09 -21.54
C TYR B 174 7.99 30.95 -22.56
N PHE B 175 9.20 30.50 -22.90
CA PHE B 175 9.43 29.28 -23.72
C PHE B 175 10.04 28.17 -22.85
N VAL B 176 10.83 28.52 -21.84
CA VAL B 176 11.71 27.51 -21.19
C VAL B 176 12.26 28.01 -19.85
N ARG B 177 12.34 27.09 -18.90
CA ARG B 177 12.91 27.30 -17.55
C ARG B 177 14.39 27.60 -17.71
N PRO B 178 14.95 28.55 -16.94
CA PRO B 178 16.37 28.88 -17.04
C PRO B 178 17.32 27.82 -16.46
N ASP B 179 18.54 27.77 -17.00
CA ASP B 179 19.65 26.90 -16.50
C ASP B 179 19.25 25.42 -16.41
N LEU B 180 18.85 24.80 -17.53
CA LEU B 180 18.58 23.33 -17.62
C LEU B 180 19.86 22.57 -17.27
N GLY B 181 19.72 21.50 -16.48
CA GLY B 181 20.80 20.53 -16.19
C GLY B 181 20.20 19.13 -16.06
N PRO B 182 21.01 18.07 -15.93
CA PRO B 182 20.49 16.70 -15.94
C PRO B 182 19.53 16.37 -14.77
N LYS B 183 18.83 15.23 -14.90
CA LYS B 183 17.98 14.60 -13.85
C LYS B 183 18.21 13.08 -13.90
N MET B 184 18.45 12.45 -12.75
CA MET B 184 18.61 10.97 -12.64
C MET B 184 17.24 10.36 -12.37
N TYR B 185 16.99 9.14 -12.85
CA TYR B 185 15.79 8.33 -12.52
C TYR B 185 16.28 6.95 -12.06
N ASN B 186 16.09 6.69 -10.76
CA ASN B 186 16.70 5.57 -10.01
C ASN B 186 15.57 4.82 -9.32
N ALA B 187 15.29 3.58 -9.71
CA ALA B 187 14.10 2.84 -9.23
C ALA B 187 14.29 1.36 -9.46
N TYR B 188 13.77 0.56 -8.51
CA TYR B 188 13.77 -0.91 -8.54
C TYR B 188 12.87 -1.37 -9.69
N GLY B 189 13.10 -2.60 -10.15
CA GLY B 189 12.21 -3.33 -11.07
C GLY B 189 10.90 -3.70 -10.42
N LEU B 190 9.79 -3.59 -11.13
CA LEU B 190 8.50 -4.19 -10.73
C LEU B 190 8.58 -5.73 -10.91
N ILE B 191 7.89 -6.52 -10.08
CA ILE B 191 8.20 -7.98 -9.88
C ILE B 191 7.01 -8.89 -10.18
N THR B 192 5.84 -8.64 -9.57
CA THR B 192 4.71 -9.61 -9.53
C THR B 192 3.77 -9.44 -10.73
N ALA B 193 2.86 -10.38 -10.90
CA ALA B 193 1.77 -10.29 -11.89
C ALA B 193 0.94 -9.04 -11.61
N GLU B 194 0.63 -8.73 -10.34
CA GLU B 194 -0.19 -7.54 -9.98
C GLU B 194 0.58 -6.25 -10.31
N ASP B 195 1.92 -6.30 -10.25
CA ASP B 195 2.85 -5.19 -10.57
C ASP B 195 2.77 -4.83 -12.08
N ARG B 196 2.34 -5.74 -12.96
CA ARG B 196 2.28 -5.47 -14.41
C ARG B 196 1.46 -4.19 -14.68
N ARG B 197 0.43 -3.94 -13.88
CA ARG B 197 -0.49 -2.77 -14.03
C ARG B 197 0.07 -1.53 -13.31
N VAL B 198 1.29 -1.59 -12.77
CA VAL B 198 1.84 -0.48 -11.93
C VAL B 198 2.91 0.24 -12.78
N GLY B 199 2.92 1.56 -12.73
CA GLY B 199 3.99 2.35 -13.36
C GLY B 199 5.14 2.61 -12.39
N THR B 200 6.38 2.64 -12.92
CA THR B 200 7.57 3.24 -12.25
C THR B 200 7.37 4.75 -12.20
N THR B 201 7.04 5.37 -13.34
CA THR B 201 6.50 6.75 -13.43
C THR B 201 5.19 6.72 -14.20
N ASN B 202 4.17 7.39 -13.66
CA ASN B 202 2.80 7.38 -14.23
C ASN B 202 2.77 8.29 -15.46
N LEU B 203 1.73 8.15 -16.26
CA LEU B 203 1.49 8.96 -17.48
C LEU B 203 1.57 10.46 -17.15
N HIS B 204 2.41 11.17 -17.90
CA HIS B 204 2.56 12.64 -17.77
C HIS B 204 3.09 13.23 -19.09
N LEU B 205 3.19 14.56 -19.16
CA LEU B 205 3.95 15.21 -20.25
C LEU B 205 4.94 16.21 -19.64
N ASP B 206 5.94 16.59 -20.43
CA ASP B 206 6.99 17.59 -20.06
C ASP B 206 6.87 18.79 -21.00
N VAL B 207 7.21 19.99 -20.54
CA VAL B 207 7.04 21.27 -21.31
C VAL B 207 8.22 21.53 -22.26
N SER B 208 9.33 20.79 -22.14
CA SER B 208 10.48 20.87 -23.09
C SER B 208 10.72 19.51 -23.77
N ASP B 209 11.58 19.51 -24.80
CA ASP B 209 12.15 18.29 -25.40
C ASP B 209 13.05 17.62 -24.36
N ALA B 210 13.29 16.31 -24.47
CA ALA B 210 14.26 15.60 -23.60
C ALA B 210 14.86 14.40 -24.31
N VAL B 211 16.03 14.00 -23.84
CA VAL B 211 16.69 12.70 -24.14
C VAL B 211 16.92 11.97 -22.82
N ASN B 212 16.54 10.68 -22.75
CA ASN B 212 16.66 9.81 -21.54
C ASN B 212 17.58 8.64 -21.89
N VAL B 213 18.70 8.52 -21.17
CA VAL B 213 19.74 7.47 -21.41
C VAL B 213 19.74 6.40 -20.29
N MET B 214 19.61 5.13 -20.67
CA MET B 214 19.75 3.97 -19.76
C MET B 214 21.26 3.73 -19.54
N VAL B 215 21.78 4.06 -18.36
CA VAL B 215 23.25 3.88 -18.07
C VAL B 215 23.53 2.63 -17.22
N TYR B 216 22.56 1.96 -16.60
CA TYR B 216 22.83 0.69 -15.85
C TYR B 216 21.54 -0.10 -15.66
N VAL B 217 21.58 -1.41 -15.90
CA VAL B 217 20.42 -2.34 -15.73
C VAL B 217 20.86 -3.45 -14.76
N GLY B 218 20.19 -3.50 -13.60
CA GLY B 218 20.50 -4.40 -12.47
C GLY B 218 19.59 -5.60 -12.46
N ILE B 219 20.13 -6.76 -12.75
CA ILE B 219 19.37 -8.04 -12.80
C ILE B 219 19.68 -8.84 -11.53
N PRO B 220 18.70 -9.02 -10.60
CA PRO B 220 18.88 -9.89 -9.43
C PRO B 220 19.01 -11.36 -9.86
N ILE B 221 19.79 -12.19 -9.14
CA ILE B 221 19.75 -13.68 -9.27
C ILE B 221 18.99 -14.28 -8.07
N ALA B 225 16.57 -16.98 -12.45
CA ALA B 225 16.10 -16.15 -13.60
C ALA B 225 14.58 -15.99 -13.54
N HIS B 226 14.08 -14.99 -12.80
CA HIS B 226 12.65 -14.56 -12.77
C HIS B 226 12.43 -13.57 -13.91
N ASP B 227 13.02 -13.89 -15.06
CA ASP B 227 12.69 -13.35 -16.41
C ASP B 227 11.33 -13.90 -16.87
N GLU B 228 10.66 -14.71 -16.04
CA GLU B 228 9.40 -15.42 -16.40
C GLU B 228 8.30 -14.38 -16.59
N GLU B 229 8.05 -13.59 -15.54
CA GLU B 229 7.03 -12.51 -15.52
C GLU B 229 7.43 -11.43 -16.55
N VAL B 230 8.73 -11.17 -16.70
CA VAL B 230 9.26 -10.15 -17.67
C VAL B 230 8.84 -10.48 -19.11
N LEU B 231 9.09 -11.71 -19.62
CA LEU B 231 8.75 -12.09 -21.03
C LEU B 231 7.23 -12.09 -21.26
N LYS B 232 6.45 -12.48 -20.24
CA LYS B 232 4.97 -12.36 -20.30
C LYS B 232 4.60 -10.88 -20.46
N THR B 233 5.17 -10.00 -19.62
CA THR B 233 4.88 -8.54 -19.63
C THR B 233 5.21 -7.91 -20.99
N ILE B 234 6.30 -8.34 -21.63
CA ILE B 234 6.83 -7.68 -22.88
C ILE B 234 5.80 -7.85 -23.99
N ASP B 235 5.23 -9.05 -24.06
CA ASP B 235 4.21 -9.48 -25.05
C ASP B 235 2.91 -8.66 -24.91
N GLU B 236 2.21 -8.82 -23.78
CA GLU B 236 0.99 -8.08 -23.40
C GLU B 236 1.26 -6.57 -23.55
N GLY B 237 2.49 -6.15 -23.20
CA GLY B 237 3.02 -4.77 -23.32
C GLY B 237 2.85 -4.22 -24.73
N ASP B 238 2.74 -5.12 -25.73
CA ASP B 238 2.37 -4.86 -27.15
C ASP B 238 3.63 -4.52 -27.95
N ALA B 239 4.81 -5.01 -27.54
CA ALA B 239 6.08 -4.77 -28.29
C ALA B 239 5.99 -5.44 -29.67
N ASP B 240 7.01 -5.27 -30.50
CA ASP B 240 7.07 -5.85 -31.87
C ASP B 240 7.92 -7.12 -31.77
N GLU B 241 7.85 -7.98 -32.79
CA GLU B 241 8.35 -9.38 -32.75
C GLU B 241 9.87 -9.40 -32.70
N VAL B 242 10.52 -8.40 -33.29
CA VAL B 242 12.01 -8.23 -33.26
C VAL B 242 12.45 -8.08 -31.80
N THR B 243 11.78 -7.20 -31.05
CA THR B 243 12.06 -6.91 -29.62
C THR B 243 11.85 -8.20 -28.82
N LYS B 244 10.70 -8.84 -29.00
CA LYS B 244 10.33 -10.14 -28.36
C LYS B 244 11.42 -11.18 -28.64
N GLU B 245 11.77 -11.37 -29.91
CA GLU B 245 12.71 -12.44 -30.37
C GLU B 245 14.15 -11.95 -30.16
N ARG B 246 14.32 -10.78 -29.53
CA ARG B 246 15.65 -10.14 -29.32
C ARG B 246 16.21 -10.56 -27.96
N ILE B 247 15.35 -10.87 -26.99
CA ILE B 247 15.76 -11.20 -25.59
C ILE B 247 15.99 -12.71 -25.49
N HIS B 248 16.11 -13.40 -26.64
CA HIS B 248 16.49 -14.83 -26.75
C HIS B 248 17.61 -14.98 -27.80
N ASP B 249 17.55 -14.19 -28.87
CA ASP B 249 18.53 -14.18 -29.99
C ASP B 249 19.86 -13.61 -29.50
N HIS B 250 19.84 -12.94 -28.35
CA HIS B 250 21.01 -12.33 -27.67
C HIS B 250 20.81 -12.49 -26.15
N LYS B 251 21.64 -11.82 -25.35
CA LYS B 251 21.45 -11.70 -23.87
C LYS B 251 21.78 -10.27 -23.44
N GLU B 252 21.11 -9.28 -24.05
CA GLU B 252 21.21 -7.86 -23.62
C GLU B 252 20.44 -7.72 -22.30
N LYS B 253 20.51 -6.52 -21.77
CA LYS B 253 19.83 -6.14 -20.50
C LYS B 253 18.65 -5.25 -20.89
N PRO B 254 17.43 -5.81 -21.04
CA PRO B 254 16.23 -4.97 -21.16
C PRO B 254 15.96 -4.28 -19.81
N GLY B 255 15.79 -2.95 -19.81
CA GLY B 255 15.62 -2.13 -18.60
C GLY B 255 14.17 -1.74 -18.34
N ALA B 256 13.52 -1.08 -19.29
CA ALA B 256 12.20 -0.46 -19.04
C ALA B 256 11.30 -0.53 -20.26
N LEU B 257 10.00 -0.62 -20.01
CA LEU B 257 8.93 -0.58 -21.03
C LEU B 257 8.26 0.80 -20.95
N TRP B 258 8.36 1.53 -22.06
CA TRP B 258 7.72 2.85 -22.28
C TRP B 258 6.45 2.70 -23.12
N HIS B 259 5.46 3.55 -22.86
CA HIS B 259 4.41 3.90 -23.85
C HIS B 259 4.48 5.41 -24.06
N ILE B 260 4.72 5.83 -25.31
CA ILE B 260 4.77 7.27 -25.69
C ILE B 260 3.63 7.57 -26.68
N TYR B 261 2.93 8.68 -26.45
CA TYR B 261 1.85 9.17 -27.35
C TYR B 261 2.27 10.50 -28.01
N ALA B 262 1.75 10.77 -29.22
CA ALA B 262 1.94 12.05 -29.96
C ALA B 262 1.36 13.23 -29.16
N ALA B 263 2.08 14.36 -29.11
CA ALA B 263 1.59 15.58 -28.43
C ALA B 263 0.15 15.93 -28.86
N LYS B 264 -0.19 15.73 -30.13
CA LYS B 264 -1.52 16.13 -30.69
C LYS B 264 -2.64 15.21 -30.16
N ASP B 265 -2.33 14.06 -29.56
CA ASP B 265 -3.32 13.08 -29.04
C ASP B 265 -3.56 13.24 -27.55
N ALA B 266 -2.98 14.25 -26.89
CA ALA B 266 -3.03 14.45 -25.42
C ALA B 266 -4.49 14.64 -24.97
N GLU B 267 -5.30 15.42 -25.71
CA GLU B 267 -6.68 15.83 -25.30
C GLU B 267 -7.61 14.63 -25.41
N LYS B 268 -7.45 13.80 -26.44
CA LYS B 268 -8.22 12.54 -26.61
C LYS B 268 -7.94 11.62 -25.42
N ILE B 269 -6.69 11.58 -24.94
CA ILE B 269 -6.29 10.77 -23.76
C ILE B 269 -6.97 11.36 -22.52
N ARG B 270 -7.07 12.69 -22.45
CA ARG B 270 -7.74 13.37 -21.31
C ARG B 270 -9.24 13.03 -21.32
N GLU B 271 -9.88 12.96 -22.49
CA GLU B 271 -11.30 12.57 -22.59
C GLU B 271 -11.46 11.17 -21.98
N LEU B 272 -10.65 10.19 -22.41
CA LEU B 272 -10.76 8.76 -21.97
C LEU B 272 -10.68 8.70 -20.44
N LEU B 273 -9.69 9.35 -19.82
CA LEU B 273 -9.41 9.22 -18.37
C LEU B 273 -10.38 10.07 -17.54
N ARG B 274 -11.03 11.08 -18.11
CA ARG B 274 -12.17 11.75 -17.45
C ARG B 274 -13.34 10.76 -17.36
N LYS B 275 -13.63 10.07 -18.48
CA LYS B 275 -14.72 9.08 -18.58
C LYS B 275 -14.43 7.95 -17.57
N VAL B 276 -13.25 7.33 -17.66
CA VAL B 276 -12.90 6.14 -16.84
C VAL B 276 -12.93 6.53 -15.36
N GLY B 277 -12.48 7.73 -15.01
CA GLY B 277 -12.47 8.21 -13.62
C GLY B 277 -13.88 8.33 -13.05
N GLU B 278 -14.81 8.84 -13.88
CA GLU B 278 -16.26 8.97 -13.57
C GLU B 278 -16.79 7.58 -13.23
N GLU B 279 -16.48 6.59 -14.08
CA GLU B 279 -16.88 5.16 -13.94
C GLU B 279 -16.32 4.52 -12.66
N GLN B 280 -15.29 5.09 -12.06
CA GLN B 280 -14.56 4.44 -10.92
C GLN B 280 -14.91 5.15 -9.61
N GLY B 281 -15.80 6.16 -9.66
CA GLY B 281 -16.22 6.90 -8.47
C GLY B 281 -15.82 8.36 -8.54
N GLN B 282 -14.52 8.62 -8.75
CA GLN B 282 -13.92 9.99 -8.75
C GLN B 282 -14.98 11.06 -9.06
N GLU B 283 -15.05 12.10 -8.23
CA GLU B 283 -15.82 13.35 -8.51
C GLU B 283 -14.81 14.42 -8.95
N ASN B 284 -14.84 14.79 -10.24
CA ASN B 284 -13.88 15.74 -10.86
C ASN B 284 -14.66 16.75 -11.68
N PRO B 285 -14.24 18.04 -11.72
CA PRO B 285 -14.85 19.02 -12.63
C PRO B 285 -14.62 18.62 -14.08
N PRO B 286 -15.30 19.26 -15.05
CA PRO B 286 -15.12 18.92 -16.46
C PRO B 286 -13.81 19.49 -17.04
N ASP B 287 -13.25 20.50 -16.36
CA ASP B 287 -11.94 21.17 -16.67
C ASP B 287 -10.78 20.19 -16.51
N HIS B 288 -10.92 19.25 -15.58
CA HIS B 288 -9.83 18.51 -14.87
C HIS B 288 -8.88 17.78 -15.85
N ASP B 289 -7.60 17.73 -15.48
CA ASP B 289 -6.49 17.27 -16.37
C ASP B 289 -5.84 16.02 -15.77
N PRO B 290 -6.27 14.82 -16.20
CA PRO B 290 -5.71 13.58 -15.69
C PRO B 290 -4.22 13.38 -16.02
N ILE B 291 -3.72 14.00 -17.10
CA ILE B 291 -2.28 13.96 -17.48
C ILE B 291 -1.50 14.82 -16.48
N HIS B 292 -1.93 16.07 -16.25
CA HIS B 292 -1.33 16.96 -15.23
C HIS B 292 -1.31 16.26 -13.86
N ASP B 293 -2.33 15.44 -13.55
CA ASP B 293 -2.45 14.75 -12.23
C ASP B 293 -1.37 13.70 -12.00
N GLN B 294 -0.82 13.10 -13.07
CA GLN B 294 0.24 12.06 -12.95
C GLN B 294 -0.22 10.90 -12.04
N SER B 295 -1.48 10.50 -12.13
CA SER B 295 -2.12 9.51 -11.21
C SER B 295 -2.52 8.23 -11.96
N TRP B 296 -2.30 8.14 -13.28
CA TRP B 296 -2.77 7.01 -14.11
C TRP B 296 -1.60 6.21 -14.70
N TYR B 297 -1.75 4.89 -14.81
CA TYR B 297 -0.90 4.05 -15.69
C TYR B 297 -1.80 3.29 -16.65
N LEU B 298 -1.62 3.45 -17.97
CA LEU B 298 -2.45 2.79 -19.00
C LEU B 298 -2.00 1.33 -19.15
N ASP B 299 -2.77 0.44 -18.52
CA ASP B 299 -2.59 -1.04 -18.54
C ASP B 299 -3.10 -1.54 -19.90
N GLN B 300 -3.01 -2.84 -20.18
CA GLN B 300 -3.40 -3.36 -21.53
C GLN B 300 -4.86 -2.99 -21.83
N THR B 301 -5.75 -3.09 -20.84
CA THR B 301 -7.20 -2.81 -21.02
C THR B 301 -7.38 -1.35 -21.42
N LEU B 302 -6.72 -0.44 -20.71
CA LEU B 302 -6.87 1.01 -21.01
C LEU B 302 -6.25 1.34 -22.38
N ARG B 303 -5.11 0.74 -22.73
CA ARG B 303 -4.45 1.04 -24.03
C ARG B 303 -5.38 0.57 -25.17
N LYS B 304 -5.95 -0.64 -25.05
CA LYS B 304 -6.86 -1.21 -26.08
C LYS B 304 -8.05 -0.27 -26.27
N ARG B 305 -8.71 0.08 -25.18
CA ARG B 305 -9.88 0.98 -25.13
C ARG B 305 -9.54 2.35 -25.75
N LEU B 306 -8.30 2.85 -25.52
CA LEU B 306 -7.82 4.13 -26.13
C LEU B 306 -7.78 3.98 -27.65
N TYR B 307 -7.30 2.86 -28.18
CA TYR B 307 -7.22 2.63 -29.65
C TYR B 307 -8.62 2.57 -30.27
N GLU B 308 -9.46 1.66 -29.73
N GLU B 308 -9.48 1.68 -29.72
CA GLU B 308 -10.83 1.34 -30.20
CA GLU B 308 -10.82 1.37 -30.30
C GLU B 308 -11.71 2.59 -30.16
C GLU B 308 -11.76 2.59 -30.16
N GLU B 309 -11.83 3.21 -28.98
CA GLU B 309 -12.77 4.34 -28.75
C GLU B 309 -12.27 5.64 -29.36
N TYR B 310 -10.96 5.91 -29.47
CA TYR B 310 -10.45 7.24 -29.88
C TYR B 310 -9.45 7.19 -31.05
N GLY B 311 -9.07 6.00 -31.53
CA GLY B 311 -8.14 5.86 -32.68
C GLY B 311 -6.68 6.17 -32.32
N VAL B 312 -6.34 6.32 -31.03
CA VAL B 312 -4.97 6.72 -30.56
C VAL B 312 -4.13 5.47 -30.33
N GLN B 313 -3.00 5.37 -31.01
CA GLN B 313 -2.21 4.13 -31.19
C GLN B 313 -1.08 4.04 -30.14
N GLY B 314 -0.16 4.98 -30.12
CA GLY B 314 0.99 4.97 -29.16
C GLY B 314 2.17 4.10 -29.59
N TRP B 315 3.37 4.42 -29.11
CA TRP B 315 4.64 3.69 -29.38
C TRP B 315 5.04 2.87 -28.14
N ALA B 316 5.14 1.54 -28.24
CA ALA B 316 5.64 0.66 -27.16
C ALA B 316 7.13 0.39 -27.38
N ILE B 317 7.99 0.87 -26.49
CA ILE B 317 9.48 0.85 -26.62
C ILE B 317 10.10 0.11 -25.43
N VAL B 318 10.97 -0.84 -25.72
CA VAL B 318 11.85 -1.46 -24.69
C VAL B 318 13.21 -0.77 -24.74
N GLN B 319 13.57 -0.06 -23.66
CA GLN B 319 14.89 0.62 -23.54
C GLN B 319 15.86 -0.37 -22.89
N PHE B 320 16.86 -0.83 -23.64
CA PHE B 320 17.99 -1.68 -23.18
C PHE B 320 19.13 -0.79 -22.70
N LEU B 321 20.14 -1.36 -22.05
CA LEU B 321 21.38 -0.66 -21.65
C LEU B 321 21.94 0.16 -22.82
N GLY B 322 22.24 1.44 -22.59
CA GLY B 322 22.84 2.36 -23.58
C GLY B 322 21.84 2.94 -24.59
N ASP B 323 20.55 2.57 -24.51
CA ASP B 323 19.51 3.15 -25.39
C ASP B 323 19.15 4.57 -24.89
N ALA B 324 19.22 5.55 -25.79
CA ALA B 324 18.76 6.93 -25.56
C ALA B 324 17.41 7.10 -26.23
N VAL B 325 16.37 7.47 -25.45
CA VAL B 325 15.01 7.75 -25.98
C VAL B 325 14.82 9.26 -26.07
N PHE B 326 14.56 9.78 -27.30
CA PHE B 326 14.20 11.20 -27.57
C PHE B 326 12.69 11.39 -27.45
N ILE B 327 12.25 12.31 -26.59
CA ILE B 327 10.81 12.52 -26.25
C ILE B 327 10.42 13.92 -26.69
N PRO B 328 9.48 14.09 -27.67
CA PRO B 328 9.03 15.43 -28.09
C PRO B 328 8.29 16.16 -26.97
N ALA B 329 8.52 17.46 -26.80
CA ALA B 329 7.77 18.33 -25.86
C ALA B 329 6.26 18.05 -25.99
N GLY B 330 5.56 17.84 -24.88
CA GLY B 330 4.09 17.65 -24.88
C GLY B 330 3.65 16.23 -25.21
N ALA B 331 4.55 15.32 -25.54
CA ALA B 331 4.21 13.91 -25.87
C ALA B 331 3.98 13.18 -24.54
N PRO B 332 2.73 12.76 -24.21
CA PRO B 332 2.49 11.99 -22.98
C PRO B 332 3.24 10.67 -22.99
N HIS B 333 3.78 10.32 -21.82
CA HIS B 333 4.57 9.08 -21.66
C HIS B 333 4.49 8.56 -20.21
N GLN B 334 4.65 7.25 -20.11
CA GLN B 334 4.66 6.44 -18.85
C GLN B 334 5.81 5.43 -18.98
N VAL B 335 6.39 5.01 -17.85
CA VAL B 335 7.53 4.06 -17.79
C VAL B 335 7.28 2.93 -16.76
N HIS B 336 7.61 1.70 -17.15
CA HIS B 336 7.47 0.49 -16.30
C HIS B 336 8.81 -0.24 -16.28
N ASN B 337 9.59 -0.13 -15.18
CA ASN B 337 10.90 -0.80 -15.05
C ASN B 337 10.70 -2.33 -14.94
N LEU B 338 11.36 -3.08 -15.84
CA LEU B 338 11.36 -4.55 -15.91
C LEU B 338 12.40 -5.11 -14.95
N TYR B 339 13.52 -4.39 -14.78
CA TYR B 339 14.57 -4.67 -13.78
C TYR B 339 14.94 -3.35 -13.13
N SER B 340 15.89 -3.37 -12.19
CA SER B 340 16.37 -2.13 -11.54
C SER B 340 17.17 -1.31 -12.58
N CYS B 341 16.88 -0.01 -12.70
CA CYS B 341 17.47 0.90 -13.72
C CYS B 341 18.04 2.18 -13.13
N ILE B 342 19.27 2.50 -13.56
CA ILE B 342 19.95 3.82 -13.39
C ILE B 342 19.87 4.53 -14.75
N LYS B 343 19.20 5.67 -14.81
CA LYS B 343 19.01 6.44 -16.06
C LYS B 343 19.46 7.90 -15.82
N VAL B 344 19.95 8.55 -16.88
CA VAL B 344 20.42 9.98 -16.88
C VAL B 344 19.79 10.66 -18.09
N ALA B 345 19.10 11.78 -17.88
CA ALA B 345 18.33 12.54 -18.91
C ALA B 345 18.77 14.02 -18.92
N GLU B 346 18.43 14.73 -20.00
CA GLU B 346 18.76 16.16 -20.28
C GLU B 346 17.57 16.78 -21.04
N ASP B 347 17.06 17.93 -20.57
CA ASP B 347 16.01 18.71 -21.26
C ASP B 347 16.73 19.61 -22.30
N PHE B 348 16.09 19.89 -23.43
CA PHE B 348 16.57 20.85 -24.46
C PHE B 348 15.38 21.49 -25.19
N VAL B 349 15.65 22.46 -26.08
CA VAL B 349 14.59 23.08 -26.93
C VAL B 349 15.04 23.05 -28.40
N SER B 350 14.35 22.26 -29.21
CA SER B 350 14.63 22.19 -30.66
C SER B 350 13.80 23.23 -31.41
N PRO B 351 14.32 23.83 -32.49
CA PRO B 351 13.54 24.80 -33.28
C PRO B 351 12.21 24.22 -33.78
N GLU B 352 12.22 22.95 -34.17
CA GLU B 352 11.04 22.19 -34.67
C GLU B 352 9.89 22.32 -33.66
N HIS B 353 10.16 22.38 -32.35
CA HIS B 353 9.10 22.24 -31.33
C HIS B 353 8.92 23.52 -30.51
N VAL B 354 9.46 24.65 -30.94
CA VAL B 354 9.44 25.89 -30.10
C VAL B 354 8.00 26.41 -29.92
N LYS B 355 7.15 26.26 -30.95
CA LYS B 355 5.71 26.64 -30.83
C LYS B 355 5.08 25.86 -29.67
N HIS B 356 5.23 24.55 -29.67
CA HIS B 356 4.72 23.67 -28.58
C HIS B 356 5.24 24.16 -27.24
N CYS B 357 6.56 24.37 -27.12
CA CYS B 357 7.21 24.74 -25.83
C CYS B 357 6.56 26.02 -25.25
N PHE B 358 6.19 26.99 -26.10
CA PHE B 358 5.55 28.26 -25.67
C PHE B 358 4.16 27.96 -25.06
N ARG B 359 3.37 27.18 -25.78
CA ARG B 359 2.00 26.80 -25.39
C ARG B 359 2.02 25.97 -24.10
N LEU B 360 2.87 24.92 -24.02
CA LEU B 360 2.94 24.02 -22.82
C LEU B 360 3.38 24.84 -21.61
N THR B 361 4.30 25.80 -21.79
CA THR B 361 4.75 26.70 -20.70
C THR B 361 3.53 27.57 -20.24
N GLN B 362 2.74 28.09 -21.18
CA GLN B 362 1.49 28.88 -20.95
C GLN B 362 0.51 28.03 -20.11
N GLU B 363 0.20 26.81 -20.56
CA GLU B 363 -0.79 25.93 -19.92
C GLU B 363 -0.29 25.53 -18.51
N PHE B 364 1.03 25.38 -18.31
CA PHE B 364 1.60 24.92 -17.02
C PHE B 364 1.46 26.04 -15.99
N ARG B 365 1.67 27.30 -16.37
CA ARG B 365 1.41 28.47 -15.50
C ARG B 365 -0.09 28.52 -15.12
N HIS B 366 -1.00 28.24 -16.07
CA HIS B 366 -2.48 28.25 -15.87
C HIS B 366 -2.89 27.12 -14.90
N LEU B 367 -2.35 25.90 -15.06
CA LEU B 367 -2.64 24.74 -14.18
C LEU B 367 -1.99 24.93 -12.81
N SER B 368 -1.03 25.85 -12.68
CA SER B 368 -0.27 26.13 -11.44
C SER B 368 -1.14 26.87 -10.43
N ASN B 369 -1.75 27.98 -10.85
CA ASN B 369 -2.60 28.87 -10.00
C ASN B 369 -4.01 28.93 -10.61
C01 RYP C . -14.04 -6.85 17.17
C03 RYP C . -12.69 -6.64 15.38
C04 RYP C . -11.30 -6.55 15.31
C05 RYP C . -10.55 -6.84 16.45
C06 RYP C . -9.21 -6.84 16.33
C08 RYP C . -9.37 -6.29 14.11
C09 RYP C . -10.73 -6.26 14.12
N02 RYP C . -12.86 -6.31 16.74
N07 RYP C . -8.63 -6.58 15.20
CL CL D . 1.30 1.95 32.98
CL CL E . -18.36 13.35 20.85
CL CL F . -12.49 -9.72 8.00
CL CL G . 7.13 -10.94 20.37
MN MN H . -6.78 -6.70 14.71
C01 RYP I . 12.61 6.17 -17.49
C03 RYP I . 11.29 7.38 -15.83
C04 RYP I . 10.96 8.69 -16.47
C05 RYP I . 10.24 9.60 -15.78
C06 RYP I . 9.75 10.72 -16.45
C08 RYP I . 10.70 10.10 -18.37
C09 RYP I . 11.23 8.97 -17.79
N02 RYP I . 12.60 6.91 -16.25
N07 RYP I . 9.95 10.96 -17.73
CL CL J . 31.20 12.72 -9.90
MN MN K . 8.92 12.65 -18.46
#